data_1MIQ
#
_entry.id   1MIQ
#
_cell.length_a   149.409
_cell.length_b   92.735
_cell.length_c   99.132
_cell.angle_alpha   90.00
_cell.angle_beta   130.11
_cell.angle_gamma   90.00
#
_symmetry.space_group_name_H-M   'C 1 2 1'
#
loop_
_entity.id
_entity.type
_entity.pdbx_description
1 polymer plasmepsin
2 water water
#
_entity_poly.entity_id   1
_entity_poly.type   'polypeptide(L)'
_entity_poly.pdbx_seq_one_letter_code
;TEHLTLAFKIERPYDKVLKTISKKNLKNYIKETFNFFKSGYMKQNYLGSENDVIELDDVANIMFYGEGEVGDNHQKFMLI
FDTGSANLWVPSKKCNSSGCSIKNLYDSSKSKSYEKDGTKVDITYGSGTVKGFFSKDLVTLGHLSMPYKFIEVTDTDDLE
PIYSSVEFDGILGLGWKDLSIGSIDPIVVELKNQNKIDNALFTFYLPVHDVHAGYLTIGGIEEKFYEGNITYEKLNHDLY
WQIDLDVHFGKQTMEKANVIVDSGTTTITAPSEFLNKFFANLNVIKVPFLPFYVTTCDNKEMPTLEFKSANNTYTLEPEY
YMNPILEVDDTLCMITMLPVDIDSNTFILGDPFMRKYFTVFDYDKESVGFAIAKN
;
_entity_poly.pdbx_strand_id   A,B
#
# COMPACT_ATOMS: atom_id res chain seq x y z
N HIS A 3 27.99 -41.70 10.43
CA HIS A 3 28.02 -40.36 9.79
C HIS A 3 27.34 -39.31 10.67
N LEU A 4 28.11 -38.25 10.97
CA LEU A 4 27.63 -37.15 11.78
C LEU A 4 26.36 -36.52 11.24
N THR A 5 25.36 -36.39 12.12
CA THR A 5 24.10 -35.80 11.78
C THR A 5 23.80 -34.73 12.80
N LEU A 6 23.76 -33.48 12.32
CA LEU A 6 23.48 -32.31 13.15
C LEU A 6 22.01 -31.91 13.03
N ALA A 7 21.29 -31.99 14.14
CA ALA A 7 19.91 -31.55 14.20
C ALA A 7 19.94 -30.05 14.31
N PHE A 8 19.12 -29.37 13.54
CA PHE A 8 19.07 -27.94 13.65
C PHE A 8 17.62 -27.48 13.70
N LYS A 9 17.44 -26.29 14.23
CA LYS A 9 16.11 -25.70 14.40
C LYS A 9 15.94 -24.67 13.29
N ILE A 10 14.72 -24.48 12.84
CA ILE A 10 14.50 -23.56 11.76
C ILE A 10 13.51 -22.50 12.14
N GLU A 11 13.85 -21.25 11.86
CA GLU A 11 12.92 -20.17 12.05
C GLU A 11 12.60 -19.47 10.72
N ARG A 12 11.31 -19.28 10.44
CA ARG A 12 10.85 -18.69 9.20
C ARG A 12 10.25 -17.30 9.39
N PRO A 13 10.22 -16.54 8.30
CA PRO A 13 9.56 -15.23 8.29
C PRO A 13 8.14 -15.31 8.88
N TYR A 14 7.44 -16.38 8.56
CA TYR A 14 6.08 -16.61 9.07
C TYR A 14 6.13 -16.66 10.57
N ASP A 15 7.18 -17.29 11.13
CA ASP A 15 7.31 -17.41 12.58
C ASP A 15 7.56 -16.03 13.14
N LYS A 16 8.38 -15.29 12.43
CA LYS A 16 8.69 -13.94 12.80
C LYS A 16 7.38 -13.20 12.91
N VAL A 17 6.59 -13.25 11.84
CA VAL A 17 5.29 -12.58 11.83
C VAL A 17 4.49 -12.88 13.11
N LEU A 18 4.45 -14.14 13.50
CA LEU A 18 3.67 -14.56 14.63
C LEU A 18 4.19 -14.01 15.94
N LYS A 19 5.42 -13.55 15.95
CA LYS A 19 5.94 -12.96 17.16
C LYS A 19 5.14 -11.69 17.50
N THR A 20 4.67 -10.97 16.48
CA THR A 20 3.98 -9.69 16.67
C THR A 20 2.47 -9.74 16.46
N ILE A 21 2.03 -10.60 15.55
CA ILE A 21 0.62 -10.71 15.29
C ILE A 21 0.15 -12.01 15.91
N SER A 22 -1.04 -11.98 16.49
CA SER A 22 -1.64 -13.16 17.08
C SER A 22 -2.13 -14.04 15.94
N LYS A 23 -2.26 -15.33 16.18
CA LYS A 23 -2.72 -16.21 15.12
C LYS A 23 -4.09 -15.73 14.69
N LYS A 24 -4.90 -15.43 15.70
CA LYS A 24 -6.26 -15.00 15.47
C LYS A 24 -6.35 -13.89 14.43
N ASN A 25 -5.90 -12.70 14.79
CA ASN A 25 -6.00 -11.57 13.86
C ASN A 25 -5.23 -11.77 12.53
N LEU A 26 -4.19 -12.59 12.53
CA LEU A 26 -3.51 -12.83 11.27
C LEU A 26 -4.44 -13.60 10.34
N LYS A 27 -5.20 -14.52 10.91
CA LYS A 27 -6.12 -15.31 10.10
C LYS A 27 -7.25 -14.45 9.56
N ASN A 28 -7.76 -13.59 10.42
CA ASN A 28 -8.86 -12.74 10.03
C ASN A 28 -8.40 -11.65 9.09
N TYR A 29 -7.21 -11.12 9.33
CA TYR A 29 -6.68 -10.13 8.43
C TYR A 29 -6.59 -10.71 7.03
N ILE A 30 -6.01 -11.90 6.92
CA ILE A 30 -5.88 -12.53 5.62
C ILE A 30 -7.25 -12.87 5.00
N LYS A 31 -8.11 -13.47 5.82
CA LYS A 31 -9.44 -13.89 5.36
C LYS A 31 -10.23 -12.67 4.88
N GLU A 32 -10.25 -11.64 5.71
CA GLU A 32 -10.99 -10.43 5.39
C GLU A 32 -10.36 -9.75 4.18
N THR A 33 -9.07 -10.00 3.95
CA THR A 33 -8.40 -9.40 2.81
C THR A 33 -8.79 -10.10 1.53
N PHE A 34 -8.85 -11.41 1.57
CA PHE A 34 -9.19 -12.16 0.39
C PHE A 34 -10.62 -11.86 0.01
N ASN A 35 -11.49 -11.87 1.01
CA ASN A 35 -12.88 -11.53 0.79
C ASN A 35 -12.98 -10.21 0.06
N PHE A 36 -12.13 -9.27 0.43
CA PHE A 36 -12.17 -7.95 -0.18
C PHE A 36 -11.81 -8.01 -1.65
N PHE A 37 -10.91 -8.94 -1.98
CA PHE A 37 -10.38 -9.10 -3.34
C PHE A 37 -11.38 -9.74 -4.27
N LYS A 38 -12.25 -10.58 -3.70
CA LYS A 38 -13.24 -11.28 -4.48
C LYS A 38 -14.48 -10.42 -4.73
N SER A 39 -14.39 -9.14 -4.37
CA SER A 39 -15.51 -8.21 -4.54
C SER A 39 -15.04 -6.77 -4.72
N GLY A 40 -14.08 -6.37 -3.87
CA GLY A 40 -13.61 -5.00 -3.81
C GLY A 40 -13.00 -4.38 -5.05
N TYR A 41 -11.67 -4.25 -5.04
CA TYR A 41 -10.95 -3.65 -6.15
C TYR A 41 -11.14 -4.47 -7.42
N MET A 42 -12.13 -4.09 -8.22
CA MET A 42 -12.42 -4.77 -9.48
C MET A 42 -11.13 -5.01 -10.23
N LYS A 43 -10.62 -3.96 -10.87
CA LYS A 43 -9.36 -4.04 -11.59
C LYS A 43 -8.31 -4.26 -10.52
N GLN A 44 -8.48 -5.34 -9.77
CA GLN A 44 -7.58 -5.70 -8.69
C GLN A 44 -6.68 -6.86 -8.99
N ASN A 45 -6.79 -7.90 -8.17
CA ASN A 45 -5.87 -9.03 -8.24
C ASN A 45 -4.53 -8.45 -7.87
N TYR A 46 -4.49 -7.89 -6.67
CA TYR A 46 -3.32 -7.26 -6.08
C TYR A 46 -2.15 -8.23 -5.95
N LEU A 47 -0.99 -7.85 -6.47
CA LEU A 47 0.23 -8.64 -6.31
C LEU A 47 1.36 -7.77 -5.74
N GLY A 48 0.99 -6.72 -5.00
CA GLY A 48 1.96 -5.84 -4.38
C GLY A 48 2.14 -4.50 -5.06
N SER A 49 3.18 -3.78 -4.65
CA SER A 49 3.49 -2.47 -5.20
C SER A 49 4.86 -1.99 -4.77
N GLU A 50 5.27 -0.85 -5.31
CA GLU A 50 6.54 -0.24 -4.94
C GLU A 50 6.59 0.05 -3.44
N ASN A 51 5.42 0.10 -2.80
CA ASN A 51 5.38 0.33 -1.36
C ASN A 51 4.93 -0.91 -0.58
N ASP A 52 5.02 -2.05 -1.23
CA ASP A 52 4.68 -3.33 -0.61
C ASP A 52 5.45 -4.41 -1.36
N VAL A 53 6.72 -4.58 -1.00
CA VAL A 53 7.56 -5.52 -1.74
C VAL A 53 8.05 -6.64 -0.88
N ILE A 54 8.41 -7.74 -1.54
CA ILE A 54 9.05 -8.84 -0.88
C ILE A 54 10.54 -8.55 -0.74
N GLU A 55 11.01 -8.43 0.50
CA GLU A 55 12.43 -8.23 0.81
C GLU A 55 13.15 -9.54 1.02
N LEU A 56 14.45 -9.53 0.82
CA LEU A 56 15.23 -10.74 0.92
C LEU A 56 15.13 -11.39 2.33
N ASP A 57 14.98 -10.56 3.37
CA ASP A 57 14.77 -11.09 4.72
C ASP A 57 13.44 -11.87 4.78
N ASP A 58 12.53 -11.58 3.84
CA ASP A 58 11.27 -12.29 3.81
C ASP A 58 11.40 -13.57 3.02
N VAL A 59 12.60 -13.87 2.58
CA VAL A 59 12.81 -15.03 1.74
C VAL A 59 13.71 -16.04 2.41
N ALA A 60 14.30 -15.66 3.52
CA ALA A 60 15.28 -16.52 4.15
C ALA A 60 14.80 -17.25 5.37
N ASN A 61 15.07 -18.53 5.43
CA ASN A 61 14.93 -19.23 6.67
C ASN A 61 16.27 -19.06 7.42
N ILE A 62 16.30 -19.23 8.71
CA ILE A 62 17.55 -19.27 9.44
C ILE A 62 17.66 -20.67 10.04
N MET A 63 18.82 -21.30 9.86
CA MET A 63 19.07 -22.65 10.38
C MET A 63 20.06 -22.60 11.55
N PHE A 64 19.54 -22.81 12.75
CA PHE A 64 20.31 -22.71 13.99
C PHE A 64 20.84 -24.03 14.48
N TYR A 65 22.14 -24.08 14.70
CA TYR A 65 22.76 -25.26 15.26
C TYR A 65 23.61 -24.75 16.41
N GLY A 66 23.29 -25.16 17.63
CA GLY A 66 23.99 -24.58 18.78
C GLY A 66 24.92 -25.46 19.61
N GLU A 67 25.51 -26.49 19.00
CA GLU A 67 26.41 -27.39 19.74
C GLU A 67 27.82 -27.40 19.22
N GLY A 68 28.09 -26.69 18.14
CA GLY A 68 29.46 -26.64 17.67
C GLY A 68 30.33 -25.92 18.71
N GLU A 69 31.63 -26.21 18.69
CA GLU A 69 32.56 -25.59 19.61
C GLU A 69 33.84 -25.23 18.89
N VAL A 70 34.52 -24.23 19.46
CA VAL A 70 35.79 -23.74 18.98
C VAL A 70 36.75 -23.66 20.17
N GLY A 71 37.98 -24.14 19.99
CA GLY A 71 38.97 -24.18 21.06
C GLY A 71 39.00 -25.51 21.81
N ASP A 72 40.12 -25.80 22.48
CA ASP A 72 40.15 -27.05 23.22
C ASP A 72 39.52 -26.93 24.62
N ASN A 73 38.83 -25.83 24.87
CA ASN A 73 38.16 -25.63 26.17
C ASN A 73 36.66 -25.58 25.98
N HIS A 74 36.16 -26.08 24.85
CA HIS A 74 34.71 -26.20 24.75
C HIS A 74 33.91 -24.90 24.62
N GLN A 75 34.47 -23.84 24.05
CA GLN A 75 33.68 -22.62 23.93
C GLN A 75 32.52 -22.90 22.99
N LYS A 76 31.33 -22.59 23.47
CA LYS A 76 30.11 -22.88 22.73
C LYS A 76 29.59 -21.69 21.95
N PHE A 77 29.04 -21.94 20.77
CA PHE A 77 28.52 -20.88 19.92
C PHE A 77 27.22 -21.28 19.26
N MET A 78 26.35 -20.30 19.04
CA MET A 78 25.17 -20.54 18.25
C MET A 78 25.54 -20.17 16.82
N LEU A 79 25.51 -21.16 15.93
CA LEU A 79 25.82 -20.95 14.53
C LEU A 79 24.59 -21.06 13.65
N ILE A 80 24.67 -20.44 12.48
CA ILE A 80 23.67 -20.65 11.47
C ILE A 80 24.39 -21.12 10.21
N PHE A 81 23.74 -22.00 9.44
CA PHE A 81 24.31 -22.59 8.23
C PHE A 81 24.11 -21.65 7.05
N ASP A 82 25.09 -21.57 6.16
CA ASP A 82 24.92 -20.78 4.98
C ASP A 82 25.43 -21.64 3.82
N THR A 83 24.57 -22.00 2.89
CA THR A 83 25.00 -22.84 1.78
C THR A 83 25.62 -22.03 0.69
N GLY A 84 25.66 -20.70 0.84
CA GLY A 84 26.26 -19.86 -0.19
C GLY A 84 27.74 -19.52 -0.01
N SER A 85 28.41 -20.03 1.03
CA SER A 85 29.77 -19.60 1.28
C SER A 85 30.60 -20.68 2.00
N ALA A 86 31.92 -20.55 1.93
CA ALA A 86 32.76 -21.56 2.53
C ALA A 86 33.17 -21.26 3.95
N ASN A 87 32.89 -20.06 4.41
CA ASN A 87 33.46 -19.62 5.67
C ASN A 87 32.79 -19.98 6.98
N LEU A 88 33.64 -20.19 7.98
CA LEU A 88 33.21 -20.25 9.36
C LEU A 88 33.75 -18.98 10.02
N TRP A 89 32.90 -18.38 10.85
CA TRP A 89 33.33 -17.25 11.65
C TRP A 89 32.59 -17.17 12.98
N VAL A 90 33.28 -16.71 14.04
CA VAL A 90 32.66 -16.51 15.36
C VAL A 90 33.04 -15.11 15.81
N PRO A 91 32.20 -14.45 16.61
CA PRO A 91 32.52 -13.10 17.11
C PRO A 91 33.67 -13.24 18.08
N SER A 92 34.66 -12.36 17.97
CA SER A 92 35.87 -12.44 18.78
C SER A 92 35.79 -11.71 20.11
N LYS A 93 36.60 -12.15 21.05
CA LYS A 93 36.67 -11.48 22.34
C LYS A 93 37.11 -10.03 22.13
N LYS A 94 37.97 -9.81 21.12
CA LYS A 94 38.43 -8.48 20.72
C LYS A 94 37.33 -7.63 20.05
N CYS A 95 36.16 -8.20 19.81
CA CYS A 95 35.07 -7.43 19.19
C CYS A 95 34.44 -6.36 20.10
N ASN A 96 34.49 -5.10 19.71
CA ASN A 96 33.94 -4.02 20.55
C ASN A 96 32.60 -3.49 20.08
N SER A 97 32.06 -4.10 19.05
CA SER A 97 30.79 -3.64 18.51
C SER A 97 29.65 -3.83 19.50
N SER A 98 28.58 -3.06 19.29
CA SER A 98 27.42 -3.14 20.15
C SER A 98 26.76 -4.53 20.12
N GLY A 99 26.60 -5.08 18.93
CA GLY A 99 26.00 -6.41 18.80
C GLY A 99 26.81 -7.46 19.53
N CYS A 100 28.13 -7.30 19.55
CA CYS A 100 28.98 -8.26 20.24
C CYS A 100 28.77 -8.32 21.75
N SER A 101 28.15 -7.31 22.34
CA SER A 101 27.96 -7.38 23.79
C SER A 101 26.93 -8.44 24.23
N ILE A 102 26.15 -8.96 23.30
CA ILE A 102 25.16 -9.96 23.66
C ILE A 102 25.50 -11.31 23.06
N LYS A 103 26.74 -11.48 22.65
CA LYS A 103 27.08 -12.73 21.99
C LYS A 103 28.06 -13.61 22.75
N ASN A 104 28.14 -14.86 22.34
CA ASN A 104 29.20 -15.69 22.85
C ASN A 104 30.47 -15.31 22.07
N LEU A 105 31.45 -14.74 22.78
CA LEU A 105 32.70 -14.31 22.17
C LEU A 105 33.80 -15.36 22.25
N TYR A 106 34.54 -15.54 21.14
CA TYR A 106 35.67 -16.47 21.13
C TYR A 106 36.90 -15.83 21.76
N ASP A 107 37.50 -16.53 22.71
CA ASP A 107 38.71 -16.06 23.40
C ASP A 107 39.83 -17.07 23.16
N SER A 108 40.74 -16.74 22.24
CA SER A 108 41.86 -17.61 21.83
C SER A 108 42.87 -17.88 22.96
N SER A 109 42.93 -16.99 23.92
CA SER A 109 43.90 -17.13 24.99
C SER A 109 43.55 -18.27 25.94
N LYS A 110 42.33 -18.78 25.80
CA LYS A 110 41.87 -19.84 26.70
C LYS A 110 41.94 -21.22 26.09
N SER A 111 42.53 -21.30 24.92
CA SER A 111 42.56 -22.54 24.17
C SER A 111 43.98 -22.80 23.76
N LYS A 112 44.52 -23.91 24.21
CA LYS A 112 45.90 -24.17 23.87
C LYS A 112 46.13 -24.78 22.47
N SER A 113 45.05 -24.97 21.69
CA SER A 113 45.22 -25.36 20.26
C SER A 113 45.16 -24.13 19.35
N TYR A 114 44.87 -22.99 19.92
CA TYR A 114 44.84 -21.78 19.12
C TYR A 114 46.20 -21.58 18.42
N GLU A 115 46.15 -21.18 17.16
CA GLU A 115 47.34 -20.87 16.38
C GLU A 115 47.03 -19.52 15.74
N LYS A 116 47.85 -18.51 16.02
CA LYS A 116 47.56 -17.20 15.48
C LYS A 116 47.80 -17.16 13.97
N ASP A 117 47.04 -16.35 13.27
CA ASP A 117 47.30 -16.16 11.86
C ASP A 117 47.41 -14.67 11.67
N GLY A 118 46.28 -13.97 11.82
CA GLY A 118 46.25 -12.51 11.82
C GLY A 118 45.83 -11.80 10.54
N THR A 119 45.75 -12.55 9.45
CA THR A 119 45.40 -11.97 8.16
C THR A 119 44.07 -11.26 8.25
N LYS A 120 44.04 -9.98 7.94
CA LYS A 120 42.81 -9.22 8.00
C LYS A 120 41.87 -9.59 6.87
N VAL A 121 40.58 -9.57 7.13
CA VAL A 121 39.65 -9.87 6.09
C VAL A 121 38.32 -9.22 6.34
N ASP A 122 37.52 -9.16 5.28
CA ASP A 122 36.15 -8.67 5.33
C ASP A 122 35.33 -9.63 4.52
N ILE A 123 34.09 -9.80 4.89
CA ILE A 123 33.29 -10.71 4.13
C ILE A 123 31.90 -10.16 4.12
N THR A 124 31.27 -10.23 2.96
CA THR A 124 29.97 -9.67 2.79
C THR A 124 28.92 -10.73 2.58
N TYR A 125 27.82 -10.60 3.31
CA TYR A 125 26.63 -11.41 3.12
C TYR A 125 25.59 -10.44 2.61
N GLY A 126 24.45 -10.97 2.15
CA GLY A 126 23.39 -10.11 1.68
C GLY A 126 22.92 -9.16 2.79
N SER A 127 22.94 -9.60 4.04
CA SER A 127 22.54 -8.72 5.13
C SER A 127 23.63 -7.79 5.65
N GLY A 128 24.82 -7.82 5.06
CA GLY A 128 25.87 -6.90 5.46
C GLY A 128 27.25 -7.51 5.54
N THR A 129 28.20 -6.68 5.95
CA THR A 129 29.60 -7.05 6.01
C THR A 129 30.10 -7.19 7.44
N VAL A 130 31.07 -8.08 7.64
CA VAL A 130 31.73 -8.17 8.94
C VAL A 130 33.22 -8.20 8.67
N LYS A 131 34.01 -7.68 9.61
CA LYS A 131 35.47 -7.73 9.45
C LYS A 131 36.12 -8.33 10.69
N GLY A 132 37.25 -8.99 10.48
CA GLY A 132 38.03 -9.56 11.55
C GLY A 132 39.34 -10.06 10.98
N PHE A 133 39.85 -11.15 11.56
CA PHE A 133 41.11 -11.69 11.08
C PHE A 133 41.07 -13.20 11.24
N PHE A 134 41.98 -13.88 10.56
CA PHE A 134 42.04 -15.34 10.61
C PHE A 134 42.69 -15.87 11.85
N SER A 135 42.15 -16.95 12.37
CA SER A 135 42.73 -17.69 13.47
C SER A 135 42.43 -19.16 13.20
N LYS A 136 43.19 -20.02 13.84
CA LYS A 136 43.06 -21.44 13.62
C LYS A 136 43.00 -22.12 14.98
N ASP A 137 42.01 -23.00 15.12
CA ASP A 137 41.77 -23.71 16.36
C ASP A 137 40.86 -24.96 16.15
N LEU A 138 40.72 -25.76 17.20
CA LEU A 138 39.90 -26.97 17.14
C LEU A 138 38.43 -26.60 16.93
N VAL A 139 37.82 -27.15 15.89
CA VAL A 139 36.39 -26.93 15.75
C VAL A 139 35.79 -28.29 15.94
N THR A 140 34.86 -28.37 16.88
CA THR A 140 34.20 -29.61 17.20
C THR A 140 32.74 -29.56 16.77
N LEU A 141 32.32 -30.63 16.10
CA LEU A 141 30.94 -30.74 15.67
C LEU A 141 30.59 -32.16 16.01
N GLY A 142 29.79 -32.36 17.04
CA GLY A 142 29.47 -33.69 17.48
C GLY A 142 30.74 -34.44 17.83
N HIS A 143 30.84 -35.68 17.34
CA HIS A 143 32.01 -36.51 17.66
C HIS A 143 33.18 -36.13 16.76
N LEU A 144 32.97 -35.20 15.83
CA LEU A 144 34.06 -34.75 14.97
C LEU A 144 34.83 -33.53 15.54
N SER A 145 36.16 -33.59 15.45
CA SER A 145 37.02 -32.49 15.88
C SER A 145 38.25 -32.31 15.02
N MET A 146 38.52 -31.08 14.61
CA MET A 146 39.76 -30.83 13.89
C MET A 146 40.14 -29.37 13.88
N PRO A 147 41.44 -29.13 13.76
CA PRO A 147 41.98 -27.78 13.63
C PRO A 147 41.47 -27.25 12.31
N TYR A 148 41.00 -26.01 12.32
CA TYR A 148 40.39 -25.44 11.14
C TYR A 148 40.59 -23.90 11.17
N LYS A 149 40.92 -23.34 10.03
CA LYS A 149 41.17 -21.92 9.93
C LYS A 149 39.81 -21.25 9.80
N PHE A 150 39.51 -20.30 10.67
CA PHE A 150 38.22 -19.61 10.59
C PHE A 150 38.45 -18.12 10.78
N ILE A 151 37.42 -17.31 10.68
CA ILE A 151 37.58 -15.88 10.90
C ILE A 151 37.11 -15.41 12.29
N GLU A 152 37.95 -14.64 12.98
CA GLU A 152 37.57 -14.09 14.27
C GLU A 152 37.01 -12.72 13.98
N VAL A 153 35.72 -12.53 14.16
CA VAL A 153 35.11 -11.24 13.79
C VAL A 153 35.23 -10.15 14.85
N THR A 154 35.71 -8.98 14.47
CA THR A 154 35.85 -7.91 15.47
C THR A 154 34.98 -6.72 15.21
N ASP A 155 34.36 -6.65 14.03
CA ASP A 155 33.49 -5.55 13.67
C ASP A 155 32.23 -6.06 13.00
N THR A 156 31.09 -5.81 13.61
CA THR A 156 29.82 -6.30 13.12
C THR A 156 28.82 -5.18 12.88
N ASP A 157 29.28 -3.95 12.99
CA ASP A 157 28.46 -2.76 12.78
C ASP A 157 27.69 -2.81 11.47
N ASP A 158 28.35 -3.22 10.39
CA ASP A 158 27.69 -3.29 9.09
C ASP A 158 26.71 -4.47 8.94
N LEU A 159 26.57 -5.27 10.00
CA LEU A 159 25.64 -6.39 9.97
C LEU A 159 24.40 -6.10 10.79
N GLU A 160 24.22 -4.84 11.12
CA GLU A 160 23.01 -4.40 11.84
C GLU A 160 21.97 -3.87 10.83
N PRO A 161 20.69 -3.97 11.16
CA PRO A 161 20.21 -4.42 12.49
C PRO A 161 20.06 -5.92 12.69
N ILE A 162 20.35 -6.74 11.70
CA ILE A 162 20.20 -8.19 11.85
C ILE A 162 20.96 -8.78 13.06
N TYR A 163 22.24 -8.48 13.18
CA TYR A 163 23.05 -9.11 14.21
C TYR A 163 22.44 -9.05 15.63
N SER A 164 22.00 -7.86 16.04
CA SER A 164 21.42 -7.72 17.37
C SER A 164 19.98 -8.20 17.45
N SER A 165 19.38 -8.51 16.31
CA SER A 165 18.00 -8.95 16.29
C SER A 165 17.88 -10.45 16.20
N VAL A 166 18.95 -11.12 15.80
CA VAL A 166 18.88 -12.56 15.70
C VAL A 166 19.87 -13.20 16.63
N GLU A 167 19.37 -14.18 17.35
CA GLU A 167 20.15 -14.86 18.33
C GLU A 167 21.17 -15.85 17.77
N PHE A 168 22.13 -15.34 17.01
CA PHE A 168 23.16 -16.24 16.57
C PHE A 168 24.47 -15.56 16.85
N ASP A 169 25.52 -16.37 17.01
CA ASP A 169 26.84 -15.82 17.20
C ASP A 169 27.58 -15.75 15.89
N GLY A 170 27.66 -16.87 15.18
CA GLY A 170 28.37 -16.89 13.92
C GLY A 170 27.73 -17.75 12.87
N ILE A 171 28.44 -17.90 11.75
CA ILE A 171 27.96 -18.60 10.57
C ILE A 171 28.96 -19.67 10.14
N LEU A 172 28.43 -20.83 9.76
CA LEU A 172 29.22 -21.98 9.30
C LEU A 172 28.81 -22.22 7.86
N GLY A 173 29.77 -22.05 6.94
CA GLY A 173 29.51 -22.16 5.53
C GLY A 173 29.37 -23.57 5.00
N LEU A 174 28.31 -23.80 4.22
CA LEU A 174 28.11 -25.06 3.58
C LEU A 174 28.25 -24.89 2.08
N GLY A 175 28.82 -23.77 1.64
CA GLY A 175 28.96 -23.48 0.22
C GLY A 175 30.34 -23.83 -0.31
N TRP A 176 30.78 -23.07 -1.32
CA TRP A 176 32.05 -23.28 -2.00
C TRP A 176 32.94 -22.02 -1.91
N LYS A 177 32.30 -20.86 -2.02
CA LYS A 177 33.03 -19.61 -2.11
C LYS A 177 33.58 -19.02 -0.82
N ASP A 178 34.90 -18.86 -0.78
CA ASP A 178 35.52 -18.18 0.34
C ASP A 178 35.31 -16.71 0.06
N LEU A 179 34.53 -16.06 0.91
CA LEU A 179 34.23 -14.65 0.80
C LEU A 179 35.42 -13.73 1.12
N SER A 180 36.47 -14.26 1.72
CA SER A 180 37.61 -13.44 2.04
C SER A 180 38.58 -13.58 0.89
N ILE A 181 38.20 -14.43 -0.05
CA ILE A 181 39.04 -14.70 -1.19
C ILE A 181 40.48 -14.93 -0.64
N GLY A 182 40.51 -15.80 0.37
CA GLY A 182 41.72 -16.31 1.00
C GLY A 182 41.80 -17.74 0.48
N SER A 183 42.63 -18.60 1.06
CA SER A 183 42.70 -19.93 0.48
C SER A 183 41.92 -20.93 1.35
N ILE A 184 40.71 -20.53 1.74
CA ILE A 184 39.90 -21.31 2.67
C ILE A 184 38.98 -22.31 2.05
N ASP A 185 39.07 -23.54 2.54
CA ASP A 185 38.16 -24.59 2.11
C ASP A 185 37.03 -24.69 3.11
N PRO A 186 35.86 -25.02 2.58
CA PRO A 186 34.68 -25.28 3.38
C PRO A 186 35.06 -26.34 4.39
N ILE A 187 34.49 -26.29 5.60
CA ILE A 187 34.89 -27.24 6.61
C ILE A 187 34.59 -28.68 6.18
N VAL A 188 33.56 -28.87 5.38
CA VAL A 188 33.24 -30.24 4.96
C VAL A 188 34.37 -30.81 4.11
N VAL A 189 34.89 -30.01 3.20
CA VAL A 189 35.97 -30.47 2.35
C VAL A 189 37.23 -30.71 3.18
N GLU A 190 37.52 -29.78 4.07
CA GLU A 190 38.65 -29.94 4.95
C GLU A 190 38.46 -31.20 5.78
N LEU A 191 37.25 -31.45 6.29
CA LEU A 191 37.04 -32.64 7.11
C LEU A 191 37.42 -33.88 6.27
N LYS A 192 37.07 -33.85 4.99
CA LYS A 192 37.43 -34.93 4.12
C LYS A 192 38.96 -34.96 3.93
N ASN A 193 39.52 -33.79 3.63
CA ASN A 193 40.96 -33.68 3.47
C ASN A 193 41.75 -34.29 4.65
N GLN A 194 41.19 -34.24 5.85
CA GLN A 194 41.91 -34.80 6.99
C GLN A 194 41.37 -36.18 7.41
N ASN A 195 40.62 -36.81 6.53
CA ASN A 195 40.05 -38.12 6.80
C ASN A 195 39.23 -38.18 8.09
N LYS A 196 38.55 -37.09 8.41
CA LYS A 196 37.64 -37.15 9.54
C LYS A 196 36.33 -37.79 9.09
N ILE A 197 36.06 -37.74 7.79
CA ILE A 197 34.81 -38.23 7.21
C ILE A 197 35.12 -39.00 5.94
N ASP A 198 34.19 -39.84 5.53
CA ASP A 198 34.38 -40.75 4.40
C ASP A 198 34.33 -40.02 3.06
N ASN A 199 33.38 -39.09 2.95
CA ASN A 199 33.16 -38.41 1.71
C ASN A 199 32.94 -36.93 1.91
N ALA A 200 33.42 -36.13 0.96
CA ALA A 200 33.22 -34.71 1.06
C ALA A 200 31.85 -34.42 0.51
N LEU A 201 30.86 -34.63 1.37
CA LEU A 201 29.52 -34.33 1.00
C LEU A 201 28.72 -34.21 2.26
N PHE A 202 27.56 -33.61 2.13
CA PHE A 202 26.66 -33.54 3.24
C PHE A 202 25.27 -33.64 2.66
N THR A 203 24.29 -33.91 3.51
CA THR A 203 22.91 -34.01 3.04
C THR A 203 21.98 -33.26 3.94
N PHE A 204 20.81 -32.95 3.39
CA PHE A 204 19.73 -32.29 4.13
C PHE A 204 18.47 -33.18 4.13
N TYR A 205 17.95 -33.43 5.31
CA TYR A 205 16.71 -34.17 5.46
C TYR A 205 15.78 -33.24 6.20
N LEU A 206 14.67 -32.85 5.58
CA LEU A 206 13.75 -31.91 6.19
C LEU A 206 12.40 -32.59 6.44
N PRO A 207 12.16 -33.05 7.66
CA PRO A 207 10.96 -33.85 7.98
C PRO A 207 9.71 -33.16 7.51
N VAL A 208 8.89 -33.83 6.70
CA VAL A 208 7.64 -33.22 6.26
C VAL A 208 6.76 -32.80 7.44
N HIS A 209 6.80 -33.54 8.55
CA HIS A 209 5.90 -33.23 9.67
C HIS A 209 6.35 -32.12 10.63
N ASP A 210 7.60 -31.66 10.51
CA ASP A 210 8.10 -30.67 11.46
C ASP A 210 8.80 -29.50 10.79
N VAL A 211 8.01 -28.50 10.41
CA VAL A 211 8.54 -27.35 9.68
C VAL A 211 9.68 -26.68 10.44
N HIS A 212 9.68 -26.80 11.76
CA HIS A 212 10.74 -26.18 12.54
C HIS A 212 12.02 -27.02 12.67
N ALA A 213 12.06 -28.17 12.03
CA ALA A 213 13.23 -29.01 12.19
C ALA A 213 13.89 -29.41 10.89
N GLY A 214 15.20 -29.69 10.96
CA GLY A 214 16.02 -30.19 9.86
C GLY A 214 17.25 -30.94 10.39
N TYR A 215 17.84 -31.78 9.54
CA TYR A 215 18.98 -32.63 9.90
C TYR A 215 20.04 -32.53 8.81
N LEU A 216 21.24 -32.16 9.19
CA LEU A 216 22.33 -32.03 8.26
C LEU A 216 23.24 -33.21 8.54
N THR A 217 23.45 -34.08 7.55
CA THR A 217 24.39 -35.17 7.76
C THR A 217 25.66 -34.90 6.96
N ILE A 218 26.78 -35.08 7.62
CA ILE A 218 28.04 -34.75 7.05
C ILE A 218 28.84 -36.00 6.88
N GLY A 219 29.39 -36.19 5.68
CA GLY A 219 30.32 -37.30 5.49
C GLY A 219 29.79 -38.52 4.76
N GLY A 220 28.47 -38.69 4.72
CA GLY A 220 27.90 -39.88 4.11
C GLY A 220 26.39 -39.88 4.00
N ILE A 221 25.89 -40.89 3.33
CA ILE A 221 24.45 -40.94 3.04
C ILE A 221 23.76 -41.95 3.90
N GLU A 222 22.77 -41.50 4.66
CA GLU A 222 22.03 -42.40 5.52
C GLU A 222 20.81 -42.94 4.76
N GLU A 223 20.73 -44.26 4.57
CA GLU A 223 19.62 -44.89 3.85
C GLU A 223 18.27 -44.60 4.49
N LYS A 224 18.30 -44.30 5.78
CA LYS A 224 17.06 -44.05 6.52
C LYS A 224 16.34 -42.75 6.14
N PHE A 225 16.98 -41.90 5.38
CA PHE A 225 16.34 -40.65 5.06
C PHE A 225 15.59 -40.67 3.75
N TYR A 226 15.85 -41.69 2.95
CA TYR A 226 15.26 -41.64 1.63
C TYR A 226 14.78 -42.99 1.12
N GLU A 227 13.95 -42.96 0.09
CA GLU A 227 13.59 -44.19 -0.59
C GLU A 227 13.89 -44.08 -2.07
N GLY A 228 13.91 -45.23 -2.73
CA GLY A 228 14.23 -45.24 -4.14
C GLY A 228 15.69 -44.81 -4.32
N ASN A 229 15.99 -44.31 -5.50
CA ASN A 229 17.35 -44.01 -5.83
C ASN A 229 17.69 -42.52 -5.73
N ILE A 230 18.96 -42.18 -5.70
CA ILE A 230 19.37 -40.78 -5.72
C ILE A 230 19.82 -40.46 -7.15
N THR A 231 19.28 -39.41 -7.76
CA THR A 231 19.76 -39.02 -9.09
C THR A 231 20.59 -37.78 -8.96
N TYR A 232 21.70 -37.73 -9.69
CA TYR A 232 22.61 -36.61 -9.57
C TYR A 232 22.52 -35.62 -10.70
N GLU A 233 22.79 -34.36 -10.36
CA GLU A 233 22.76 -33.30 -11.34
C GLU A 233 24.03 -32.50 -11.17
N LYS A 234 24.72 -32.30 -12.28
CA LYS A 234 25.98 -31.61 -12.32
C LYS A 234 25.76 -30.12 -12.09
N LEU A 235 26.61 -29.54 -11.25
CA LEU A 235 26.60 -28.11 -11.03
C LEU A 235 26.91 -27.42 -12.33
N ASN A 236 26.23 -26.30 -12.58
CA ASN A 236 26.52 -25.52 -13.75
C ASN A 236 27.37 -24.35 -13.32
N HIS A 237 27.91 -24.42 -12.12
CA HIS A 237 28.70 -23.34 -11.63
C HIS A 237 29.75 -23.90 -10.70
N ASP A 238 30.93 -23.28 -10.72
CA ASP A 238 32.07 -23.77 -9.95
C ASP A 238 31.91 -23.53 -8.47
N LEU A 239 31.21 -22.46 -8.10
CA LEU A 239 31.11 -22.03 -6.73
C LEU A 239 29.75 -22.06 -6.01
N TYR A 240 28.68 -22.56 -6.65
CA TYR A 240 27.38 -22.57 -5.98
C TYR A 240 26.64 -23.85 -6.25
N TRP A 241 25.83 -24.29 -5.28
CA TRP A 241 24.97 -25.47 -5.48
C TRP A 241 23.86 -25.08 -6.44
N GLN A 242 24.22 -24.99 -7.70
CA GLN A 242 23.32 -24.51 -8.71
C GLN A 242 23.37 -25.45 -9.90
N ILE A 243 22.23 -25.65 -10.56
CA ILE A 243 22.10 -26.58 -11.68
C ILE A 243 21.09 -26.12 -12.74
N ASP A 244 21.19 -26.73 -13.92
CA ASP A 244 20.31 -26.45 -15.02
C ASP A 244 19.06 -27.30 -14.97
N LEU A 245 17.88 -26.67 -15.04
CA LEU A 245 16.64 -27.43 -15.13
C LEU A 245 15.68 -26.66 -15.99
N ASP A 246 14.79 -27.35 -16.67
CA ASP A 246 13.73 -26.69 -17.37
C ASP A 246 12.67 -26.59 -16.31
N VAL A 247 12.12 -25.40 -16.14
CA VAL A 247 11.11 -25.19 -15.11
C VAL A 247 9.74 -25.12 -15.73
N HIS A 248 8.82 -25.93 -15.23
CA HIS A 248 7.44 -25.86 -15.67
C HIS A 248 6.52 -25.55 -14.49
N PHE A 249 5.85 -24.39 -14.57
CA PHE A 249 4.84 -23.96 -13.59
C PHE A 249 3.53 -23.98 -14.39
N GLY A 250 2.90 -25.14 -14.50
CA GLY A 250 1.71 -25.24 -15.32
C GLY A 250 2.11 -24.99 -16.75
N LYS A 251 1.42 -24.09 -17.44
CA LYS A 251 1.74 -23.82 -18.84
C LYS A 251 2.99 -22.99 -18.94
N GLN A 252 3.34 -22.35 -17.84
CA GLN A 252 4.51 -21.50 -17.76
C GLN A 252 5.80 -22.31 -17.86
N THR A 253 6.66 -21.95 -18.79
CA THR A 253 7.89 -22.70 -18.97
C THR A 253 9.12 -21.83 -19.14
N MET A 254 10.21 -22.25 -18.50
CA MET A 254 11.50 -21.62 -18.76
C MET A 254 12.56 -22.69 -18.97
N GLU A 255 13.15 -22.68 -20.15
CA GLU A 255 14.12 -23.70 -20.50
C GLU A 255 15.51 -23.39 -20.00
N LYS A 256 16.16 -24.41 -19.47
CA LYS A 256 17.53 -24.30 -19.02
C LYS A 256 17.71 -23.16 -18.04
N ALA A 257 16.86 -23.12 -17.04
CA ALA A 257 16.97 -22.08 -16.04
C ALA A 257 18.10 -22.43 -15.10
N ASN A 258 18.61 -21.43 -14.38
CA ASN A 258 19.55 -21.64 -13.31
C ASN A 258 18.73 -21.85 -12.04
N VAL A 259 18.93 -22.97 -11.37
CA VAL A 259 18.18 -23.29 -10.18
C VAL A 259 19.13 -23.57 -9.05
N ILE A 260 19.09 -22.71 -8.04
CA ILE A 260 19.87 -22.88 -6.83
C ILE A 260 19.08 -23.76 -5.86
N VAL A 261 19.79 -24.63 -5.15
CA VAL A 261 19.13 -25.53 -4.21
C VAL A 261 19.56 -25.06 -2.84
N ASP A 262 18.62 -24.64 -2.00
CA ASP A 262 19.02 -24.04 -0.75
C ASP A 262 18.02 -24.16 0.37
N SER A 263 18.35 -24.98 1.35
CA SER A 263 17.43 -25.21 2.45
C SER A 263 17.31 -23.89 3.19
N GLY A 264 18.28 -23.02 2.99
CA GLY A 264 18.22 -21.71 3.62
C GLY A 264 17.15 -20.79 3.09
N THR A 265 16.56 -21.11 1.94
CA THR A 265 15.52 -20.25 1.40
C THR A 265 14.11 -20.75 1.80
N THR A 266 13.23 -19.82 2.14
CA THR A 266 11.99 -20.19 2.76
C THR A 266 10.97 -20.79 1.79
N THR A 267 11.06 -20.45 0.49
CA THR A 267 10.08 -20.97 -0.49
C THR A 267 10.76 -21.38 -1.73
N ILE A 268 9.96 -21.64 -2.76
CA ILE A 268 10.47 -21.76 -4.09
C ILE A 268 10.57 -20.28 -4.53
N THR A 269 11.65 -19.85 -5.17
CA THR A 269 11.65 -18.48 -5.69
C THR A 269 11.70 -18.47 -7.22
N ALA A 270 11.16 -17.42 -7.81
CA ALA A 270 11.14 -17.29 -9.25
C ALA A 270 11.31 -15.84 -9.57
N PRO A 271 11.84 -15.56 -10.74
CA PRO A 271 11.85 -14.21 -11.30
C PRO A 271 10.43 -13.63 -11.25
N SER A 272 10.32 -12.38 -10.83
CA SER A 272 9.03 -11.70 -10.62
C SER A 272 8.06 -11.69 -11.80
N GLU A 273 8.56 -11.50 -13.01
CA GLU A 273 7.65 -11.48 -14.15
C GLU A 273 6.99 -12.84 -14.31
N PHE A 274 7.84 -13.86 -14.34
CA PHE A 274 7.41 -15.23 -14.54
C PHE A 274 6.36 -15.60 -13.48
N LEU A 275 6.67 -15.32 -12.21
CA LEU A 275 5.77 -15.62 -11.12
C LEU A 275 4.53 -14.74 -11.03
N ASN A 276 4.69 -13.43 -11.17
CA ASN A 276 3.53 -12.56 -11.08
C ASN A 276 2.53 -13.03 -12.09
N LYS A 277 3.05 -13.35 -13.27
CA LYS A 277 2.23 -13.93 -14.31
C LYS A 277 1.58 -15.19 -13.77
N PHE A 278 2.39 -16.09 -13.25
CA PHE A 278 1.87 -17.34 -12.75
C PHE A 278 0.72 -17.03 -11.82
N PHE A 279 0.94 -16.11 -10.88
CA PHE A 279 -0.07 -15.78 -9.88
C PHE A 279 -1.35 -15.19 -10.47
N ALA A 280 -1.18 -14.37 -11.50
CA ALA A 280 -2.29 -13.71 -12.13
C ALA A 280 -3.27 -14.65 -12.82
N ASN A 281 -2.88 -15.90 -13.04
CA ASN A 281 -3.84 -16.83 -13.64
C ASN A 281 -4.56 -17.58 -12.56
N LEU A 282 -3.83 -17.98 -11.52
CA LEU A 282 -4.40 -18.79 -10.47
C LEU A 282 -5.33 -17.99 -9.53
N ASN A 283 -5.44 -16.69 -9.77
CA ASN A 283 -6.26 -15.89 -8.88
C ASN A 283 -5.69 -15.96 -7.45
N VAL A 284 -4.38 -15.77 -7.36
CA VAL A 284 -3.69 -15.73 -6.09
C VAL A 284 -3.52 -14.25 -5.77
N ILE A 285 -3.57 -13.89 -4.50
CA ILE A 285 -3.30 -12.49 -4.16
C ILE A 285 -2.17 -12.38 -3.18
N LYS A 286 -1.57 -11.20 -3.13
CA LYS A 286 -0.55 -10.96 -2.12
C LYS A 286 -1.27 -10.33 -0.94
N VAL A 287 -0.94 -10.76 0.27
CA VAL A 287 -1.51 -10.08 1.40
C VAL A 287 -0.73 -8.78 1.53
N PRO A 288 -1.41 -7.65 1.47
CA PRO A 288 -0.71 -6.37 1.59
C PRO A 288 0.10 -6.32 2.87
N PHE A 289 1.34 -5.83 2.77
CA PHE A 289 2.24 -5.64 3.93
C PHE A 289 2.78 -6.90 4.56
N LEU A 290 2.50 -8.08 3.99
CA LEU A 290 3.00 -9.31 4.57
C LEU A 290 3.60 -10.10 3.45
N PRO A 291 4.62 -10.87 3.74
CA PRO A 291 5.33 -11.64 2.72
C PRO A 291 4.63 -12.92 2.38
N PHE A 292 3.33 -12.84 2.12
CA PHE A 292 2.57 -14.05 1.90
C PHE A 292 1.74 -13.96 0.63
N TYR A 293 1.51 -15.10 0.02
CA TYR A 293 0.64 -15.15 -1.14
C TYR A 293 -0.44 -16.20 -0.85
N VAL A 294 -1.69 -15.83 -1.06
CA VAL A 294 -2.77 -16.75 -0.71
C VAL A 294 -3.89 -16.89 -1.70
N THR A 295 -4.51 -18.06 -1.61
CA THR A 295 -5.69 -18.40 -2.38
C THR A 295 -6.37 -19.58 -1.69
N THR A 296 -7.41 -20.15 -2.30
CA THR A 296 -8.14 -21.25 -1.67
C THR A 296 -7.31 -22.50 -1.67
N CYS A 297 -7.26 -23.15 -0.52
CA CYS A 297 -6.51 -24.39 -0.43
C CYS A 297 -6.92 -25.36 -1.53
N ASP A 298 -8.22 -25.45 -1.81
CA ASP A 298 -8.64 -26.33 -2.88
C ASP A 298 -8.85 -25.55 -4.19
N ASN A 299 -7.83 -24.80 -4.58
CA ASN A 299 -7.85 -24.10 -5.86
C ASN A 299 -7.64 -25.13 -6.96
N LYS A 300 -8.66 -25.29 -7.79
CA LYS A 300 -8.68 -26.30 -8.84
C LYS A 300 -7.52 -26.24 -9.83
N GLU A 301 -7.09 -25.02 -10.16
CA GLU A 301 -6.06 -24.75 -11.16
C GLU A 301 -4.59 -24.93 -10.75
N MET A 302 -4.31 -25.15 -9.46
CA MET A 302 -2.92 -25.26 -9.00
C MET A 302 -2.25 -26.51 -9.56
N PRO A 303 -1.25 -26.30 -10.40
CA PRO A 303 -0.59 -27.39 -11.11
C PRO A 303 0.55 -28.02 -10.27
N THR A 304 1.12 -29.07 -10.84
CA THR A 304 2.21 -29.80 -10.25
C THR A 304 3.44 -29.22 -10.94
N LEU A 305 4.36 -28.67 -10.16
CA LEU A 305 5.54 -28.04 -10.76
C LEU A 305 6.43 -29.15 -11.27
N GLU A 306 7.16 -28.89 -12.34
CA GLU A 306 8.02 -29.89 -12.95
C GLU A 306 9.35 -29.25 -13.20
N PHE A 307 10.40 -29.98 -12.88
CA PHE A 307 11.77 -29.53 -13.03
C PHE A 307 12.49 -30.65 -13.73
N LYS A 308 12.89 -30.39 -14.96
CA LYS A 308 13.43 -31.48 -15.77
C LYS A 308 14.87 -31.29 -16.18
N SER A 309 15.62 -32.37 -16.20
CA SER A 309 16.96 -32.33 -16.73
C SER A 309 16.97 -33.30 -17.91
N ALA A 310 18.15 -33.52 -18.46
CA ALA A 310 18.30 -34.46 -19.55
C ALA A 310 17.76 -35.81 -19.12
N ASN A 311 18.23 -36.28 -17.95
CA ASN A 311 17.83 -37.62 -17.52
C ASN A 311 16.73 -37.70 -16.46
N ASN A 312 16.36 -36.60 -15.84
CA ASN A 312 15.44 -36.72 -14.71
C ASN A 312 14.32 -35.72 -14.62
N THR A 313 13.31 -36.07 -13.85
CA THR A 313 12.19 -35.19 -13.64
C THR A 313 11.89 -35.12 -12.16
N TYR A 314 11.68 -33.91 -11.65
CA TYR A 314 11.31 -33.76 -10.26
C TYR A 314 9.98 -33.05 -10.26
N THR A 315 9.05 -33.48 -9.44
CA THR A 315 7.79 -32.74 -9.38
C THR A 315 7.46 -32.22 -8.02
N LEU A 316 6.63 -31.19 -8.01
CA LEU A 316 6.19 -30.68 -6.74
C LEU A 316 4.69 -30.50 -6.83
N GLU A 317 3.97 -31.46 -6.27
CA GLU A 317 2.53 -31.37 -6.30
C GLU A 317 2.01 -30.27 -5.40
N PRO A 318 0.86 -29.73 -5.79
CA PRO A 318 0.20 -28.66 -5.05
C PRO A 318 0.28 -28.82 -3.54
N GLU A 319 0.09 -30.02 -3.01
CA GLU A 319 0.12 -30.20 -1.55
C GLU A 319 1.47 -29.90 -0.90
N TYR A 320 2.52 -29.76 -1.69
CA TYR A 320 3.83 -29.51 -1.13
C TYR A 320 4.13 -28.01 -1.15
N TYR A 321 3.38 -27.25 -1.94
CA TYR A 321 3.63 -25.81 -1.94
C TYR A 321 2.46 -24.95 -1.51
N MET A 322 1.55 -25.53 -0.74
CA MET A 322 0.35 -24.82 -0.30
C MET A 322 0.09 -25.14 1.14
N ASN A 323 0.00 -24.12 1.98
CA ASN A 323 -0.27 -24.34 3.38
C ASN A 323 -1.45 -23.50 3.85
N PRO A 324 -2.31 -24.13 4.64
CA PRO A 324 -3.44 -23.46 5.29
C PRO A 324 -2.84 -22.38 6.14
N ILE A 325 -3.42 -21.18 6.11
CA ILE A 325 -2.79 -20.02 6.72
C ILE A 325 -2.27 -20.20 8.15
N LEU A 326 -2.86 -21.12 8.89
CA LEU A 326 -2.31 -21.51 10.18
C LEU A 326 -3.17 -22.58 10.72
N GLU A 327 -4.45 -22.41 10.41
CA GLU A 327 -5.52 -23.34 10.71
C GLU A 327 -5.26 -24.66 9.98
N VAL A 328 -4.85 -25.71 10.67
CA VAL A 328 -4.66 -26.94 9.94
C VAL A 328 -5.86 -27.18 9.00
N ASP A 329 -6.96 -26.43 9.22
CA ASP A 329 -8.17 -26.51 8.38
C ASP A 329 -8.03 -25.59 7.14
N ASP A 330 -8.00 -26.23 5.99
CA ASP A 330 -7.64 -25.58 4.74
C ASP A 330 -8.74 -24.78 4.11
N THR A 331 -8.81 -23.49 4.40
CA THR A 331 -9.72 -22.68 3.61
C THR A 331 -8.85 -21.85 2.69
N LEU A 332 -8.20 -20.84 3.24
CA LEU A 332 -7.22 -20.12 2.43
C LEU A 332 -5.86 -20.77 2.66
N CYS A 333 -5.01 -20.70 1.64
CA CYS A 333 -3.66 -21.24 1.72
C CYS A 333 -2.61 -20.23 1.24
N MET A 334 -1.40 -20.29 1.81
CA MET A 334 -0.33 -19.48 1.22
C MET A 334 0.35 -20.35 0.23
N ILE A 335 0.82 -19.74 -0.84
CA ILE A 335 1.56 -20.51 -1.82
C ILE A 335 3.03 -20.30 -1.48
N THR A 336 3.76 -21.38 -1.30
CA THR A 336 5.16 -21.25 -0.90
C THR A 336 6.06 -20.92 -2.09
N MET A 337 5.81 -19.77 -2.68
CA MET A 337 6.58 -19.29 -3.80
C MET A 337 6.70 -17.78 -3.62
N LEU A 338 7.89 -17.24 -3.88
CA LEU A 338 8.14 -15.82 -3.71
C LEU A 338 8.96 -15.31 -4.89
N PRO A 339 8.63 -14.12 -5.36
CA PRO A 339 9.33 -13.50 -6.47
C PRO A 339 10.64 -12.94 -6.01
N VAL A 340 11.71 -13.37 -6.63
CA VAL A 340 13.01 -12.87 -6.29
C VAL A 340 13.78 -12.74 -7.58
N ASP A 341 14.28 -11.55 -7.84
CA ASP A 341 15.04 -11.32 -9.07
C ASP A 341 16.53 -11.35 -8.81
N ILE A 342 17.16 -12.40 -9.29
CA ILE A 342 18.62 -12.49 -9.25
C ILE A 342 19.08 -12.20 -10.66
N ASP A 343 18.30 -12.66 -11.63
CA ASP A 343 18.49 -12.28 -13.01
C ASP A 343 17.25 -12.74 -13.76
N SER A 344 17.38 -13.00 -15.04
CA SER A 344 16.20 -13.35 -15.81
C SER A 344 15.93 -14.85 -15.74
N ASN A 345 16.93 -15.58 -15.28
CA ASN A 345 16.98 -17.02 -15.39
C ASN A 345 16.95 -17.84 -14.10
N THR A 346 17.00 -17.19 -12.96
CA THR A 346 17.29 -17.91 -11.75
C THR A 346 16.13 -18.19 -10.79
N PHE A 347 16.01 -19.47 -10.41
CA PHE A 347 15.04 -19.91 -9.45
C PHE A 347 15.80 -20.49 -8.28
N ILE A 348 15.15 -20.52 -7.10
CA ILE A 348 15.68 -21.26 -5.97
C ILE A 348 14.69 -22.33 -5.52
N LEU A 349 15.19 -23.55 -5.34
CA LEU A 349 14.38 -24.59 -4.73
C LEU A 349 14.73 -24.57 -3.25
N GLY A 350 13.84 -23.98 -2.44
CA GLY A 350 14.06 -23.82 -1.01
C GLY A 350 13.43 -24.92 -0.18
N ASP A 351 13.20 -24.64 1.09
CA ASP A 351 12.61 -25.58 2.03
C ASP A 351 11.45 -26.53 1.49
N PRO A 352 10.40 -25.98 0.90
CA PRO A 352 9.24 -26.81 0.51
C PRO A 352 9.63 -27.94 -0.46
N PHE A 353 10.49 -27.63 -1.42
CA PHE A 353 10.95 -28.65 -2.35
C PHE A 353 11.74 -29.72 -1.60
N MET A 354 12.52 -29.30 -0.62
CA MET A 354 13.34 -30.20 0.19
C MET A 354 12.55 -30.96 1.27
N ARG A 355 11.30 -30.55 1.52
CA ARG A 355 10.47 -31.36 2.41
C ARG A 355 10.11 -32.68 1.67
N LYS A 356 9.96 -32.59 0.37
CA LYS A 356 9.67 -33.78 -0.43
C LYS A 356 10.94 -34.48 -0.87
N TYR A 357 11.91 -33.71 -1.34
CA TYR A 357 13.15 -34.34 -1.79
C TYR A 357 14.29 -34.24 -0.82
N PHE A 358 14.78 -35.41 -0.42
CA PHE A 358 16.00 -35.52 0.36
C PHE A 358 17.10 -35.11 -0.63
N THR A 359 18.10 -34.37 -0.17
CA THR A 359 19.15 -33.86 -1.07
C THR A 359 20.57 -34.10 -0.62
N VAL A 360 21.44 -34.30 -1.61
CA VAL A 360 22.85 -34.57 -1.35
C VAL A 360 23.66 -33.51 -2.06
N PHE A 361 24.67 -33.01 -1.36
CA PHE A 361 25.53 -31.96 -1.84
C PHE A 361 26.89 -32.55 -1.77
N ASP A 362 27.39 -32.90 -2.94
CA ASP A 362 28.60 -33.67 -3.04
C ASP A 362 29.73 -32.87 -3.67
N TYR A 363 30.73 -32.52 -2.88
CA TYR A 363 31.81 -31.69 -3.39
C TYR A 363 32.70 -32.43 -4.40
N ASP A 364 33.00 -33.69 -4.08
CA ASP A 364 33.78 -34.57 -4.92
C ASP A 364 33.11 -34.74 -6.30
N LYS A 365 31.81 -35.02 -6.30
CA LYS A 365 31.10 -35.26 -7.57
C LYS A 365 30.66 -33.95 -8.19
N GLU A 366 30.77 -32.86 -7.42
CA GLU A 366 30.40 -31.54 -7.89
C GLU A 366 28.97 -31.55 -8.37
N SER A 367 28.06 -32.03 -7.51
CA SER A 367 26.68 -32.25 -7.92
C SER A 367 25.69 -32.27 -6.78
N VAL A 368 24.43 -32.16 -7.13
CA VAL A 368 23.41 -32.27 -6.14
C VAL A 368 22.66 -33.56 -6.44
N GLY A 369 22.44 -34.37 -5.41
CA GLY A 369 21.70 -35.60 -5.54
C GLY A 369 20.28 -35.43 -5.00
N PHE A 370 19.32 -36.12 -5.62
CA PHE A 370 17.92 -35.97 -5.22
C PHE A 370 17.29 -37.31 -5.00
N ALA A 371 16.49 -37.39 -3.94
CA ALA A 371 15.72 -38.62 -3.68
C ALA A 371 14.41 -38.28 -2.94
N ILE A 372 13.40 -39.13 -3.11
CA ILE A 372 12.17 -39.03 -2.37
C ILE A 372 12.55 -39.25 -0.91
N ALA A 373 12.27 -38.25 -0.09
CA ALA A 373 12.55 -38.33 1.31
C ALA A 373 11.59 -39.32 2.02
N LYS A 374 12.13 -40.17 2.86
CA LYS A 374 11.30 -41.05 3.65
C LYS A 374 10.67 -40.13 4.70
N ASN A 375 9.35 -40.05 4.66
CA ASN A 375 8.60 -39.07 5.44
C ASN A 375 9.21 -37.64 5.49
N THR B 1 -38.31 41.46 5.16
CA THR B 1 -37.74 40.68 4.03
C THR B 1 -36.60 39.76 4.49
N GLU B 2 -36.62 38.52 4.02
CA GLU B 2 -35.55 37.57 4.28
C GLU B 2 -34.97 37.29 2.91
N HIS B 3 -33.63 37.30 2.80
CA HIS B 3 -33.03 37.09 1.49
C HIS B 3 -33.40 35.72 0.94
N LEU B 4 -32.90 35.39 -0.25
CA LEU B 4 -33.24 34.11 -0.86
C LEU B 4 -32.35 32.97 -0.37
N THR B 5 -32.95 32.01 0.30
CA THR B 5 -32.19 30.85 0.78
C THR B 5 -32.68 29.57 0.14
N LEU B 6 -31.74 28.80 -0.40
CA LEU B 6 -32.00 27.54 -1.08
C LEU B 6 -31.49 26.38 -0.24
N ALA B 7 -32.39 25.50 0.16
CA ALA B 7 -32.02 24.30 0.88
C ALA B 7 -31.51 23.35 -0.18
N PHE B 8 -30.40 22.69 0.09
CA PHE B 8 -29.89 21.74 -0.87
C PHE B 8 -29.40 20.46 -0.23
N LYS B 9 -29.38 19.41 -1.04
CA LYS B 9 -28.98 18.08 -0.61
C LYS B 9 -27.53 17.80 -1.05
N ILE B 10 -26.77 17.08 -0.22
CA ILE B 10 -25.41 16.70 -0.58
C ILE B 10 -25.24 15.16 -0.69
N GLU B 11 -24.48 14.70 -1.68
CA GLU B 11 -24.10 13.33 -1.80
C GLU B 11 -22.59 13.35 -1.73
N ARG B 12 -22.03 12.64 -0.76
CA ARG B 12 -20.59 12.58 -0.53
C ARG B 12 -20.05 11.31 -1.14
N PRO B 13 -18.78 11.34 -1.52
CA PRO B 13 -18.12 10.13 -2.00
C PRO B 13 -18.32 8.98 -1.00
N TYR B 14 -18.18 9.27 0.29
CA TYR B 14 -18.33 8.26 1.34
C TYR B 14 -19.65 7.48 1.22
N ASP B 15 -20.76 8.19 1.04
CA ASP B 15 -22.07 7.57 0.90
C ASP B 15 -22.08 6.43 -0.10
N LYS B 16 -21.54 6.68 -1.29
CA LYS B 16 -21.49 5.65 -2.32
C LYS B 16 -20.75 4.41 -1.80
N VAL B 17 -19.68 4.64 -1.04
CA VAL B 17 -18.92 3.54 -0.46
C VAL B 17 -19.83 2.68 0.40
N LEU B 18 -20.77 3.29 1.09
CA LEU B 18 -21.67 2.52 1.95
C LEU B 18 -22.64 1.69 1.13
N LYS B 19 -23.06 2.22 -0.01
CA LYS B 19 -24.01 1.53 -0.87
C LYS B 19 -23.38 0.55 -1.87
N THR B 20 -22.08 0.64 -2.09
CA THR B 20 -21.39 -0.24 -3.03
C THR B 20 -20.82 -1.44 -2.29
N ILE B 21 -20.76 -1.35 -0.98
CA ILE B 21 -20.24 -2.45 -0.18
C ILE B 21 -20.90 -2.57 1.20
N SER B 22 -21.49 -3.73 1.47
CA SER B 22 -22.16 -3.99 2.75
C SER B 22 -21.21 -3.77 3.93
N LYS B 23 -21.78 -3.68 5.13
CA LYS B 23 -20.98 -3.44 6.32
C LYS B 23 -20.09 -4.61 6.66
N LYS B 24 -20.65 -5.82 6.57
CA LYS B 24 -19.93 -7.06 6.89
C LYS B 24 -18.61 -7.16 6.12
N ASN B 25 -18.73 -7.25 4.80
CA ASN B 25 -17.56 -7.28 3.94
C ASN B 25 -16.67 -6.08 4.24
N LEU B 26 -17.28 -4.94 4.46
CA LEU B 26 -16.53 -3.74 4.83
C LEU B 26 -16.07 -3.97 6.26
N LYS B 27 -16.42 -3.04 7.14
CA LYS B 27 -16.13 -3.14 8.58
C LYS B 27 -15.02 -4.11 8.98
N ASN B 28 -15.29 -5.40 8.85
CA ASN B 28 -14.30 -6.39 9.23
C ASN B 28 -12.93 -6.05 8.62
N TYR B 29 -12.94 -5.66 7.35
CA TYR B 29 -11.70 -5.38 6.67
C TYR B 29 -10.98 -4.15 7.24
N ILE B 30 -11.73 -3.10 7.55
CA ILE B 30 -11.13 -1.91 8.12
C ILE B 30 -10.66 -2.21 9.53
N LYS B 31 -11.46 -2.99 10.23
CA LYS B 31 -11.16 -3.38 11.59
C LYS B 31 -9.85 -4.16 11.65
N GLU B 32 -9.75 -5.24 10.89
CA GLU B 32 -8.55 -6.07 10.90
C GLU B 32 -7.33 -5.36 10.29
N THR B 33 -7.60 -4.51 9.30
CA THR B 33 -6.54 -3.75 8.72
C THR B 33 -5.96 -2.88 9.81
N PHE B 34 -6.83 -2.18 10.52
CA PHE B 34 -6.34 -1.30 11.56
C PHE B 34 -5.76 -2.13 12.67
N ASN B 35 -6.38 -3.28 12.90
CA ASN B 35 -5.91 -4.16 13.95
C ASN B 35 -4.52 -4.64 13.60
N PHE B 36 -4.30 -4.95 12.33
CA PHE B 36 -2.97 -5.31 11.86
C PHE B 36 -2.01 -4.15 12.13
N PHE B 37 -2.40 -2.94 11.74
CA PHE B 37 -1.54 -1.76 11.89
C PHE B 37 -1.23 -1.40 13.35
N LYS B 38 -2.19 -1.68 14.23
CA LYS B 38 -2.04 -1.37 15.64
C LYS B 38 -0.93 -2.23 16.27
N SER B 39 -0.57 -3.32 15.60
CA SER B 39 0.44 -4.26 16.10
C SER B 39 1.86 -3.71 16.04
N GLY B 40 2.10 -2.80 15.11
CA GLY B 40 3.44 -2.26 14.94
C GLY B 40 4.32 -3.21 14.15
N TYR B 41 3.71 -4.10 13.36
CA TYR B 41 4.50 -5.00 12.56
C TYR B 41 5.17 -4.22 11.45
N MET B 42 4.38 -3.41 10.75
CA MET B 42 4.93 -2.62 9.67
C MET B 42 6.00 -1.69 10.20
N LYS B 43 7.05 -1.48 9.41
CA LYS B 43 8.16 -0.62 9.80
C LYS B 43 7.79 0.86 9.66
N GLN B 44 6.95 1.14 8.67
CA GLN B 44 6.53 2.50 8.36
C GLN B 44 5.06 2.47 8.00
N ASN B 45 4.25 3.28 8.67
CA ASN B 45 2.81 3.29 8.42
C ASN B 45 2.47 3.59 6.95
N TYR B 46 1.47 2.87 6.44
CA TYR B 46 1.07 2.93 5.04
C TYR B 46 0.21 4.13 4.66
N LEU B 47 0.63 4.84 3.62
CA LEU B 47 -0.14 6.01 3.17
C LEU B 47 -0.38 6.03 1.66
N GLY B 48 -0.66 4.86 1.08
CA GLY B 48 -0.92 4.78 -0.36
C GLY B 48 0.18 4.23 -1.25
N SER B 49 -0.11 4.23 -2.56
CA SER B 49 0.78 3.67 -3.59
C SER B 49 0.37 4.10 -5.00
N GLU B 50 1.18 3.72 -6.00
CA GLU B 50 0.89 4.05 -7.38
C GLU B 50 -0.34 3.31 -7.85
N ASN B 51 -0.52 2.10 -7.34
CA ASN B 51 -1.70 1.32 -7.68
C ASN B 51 -2.89 1.87 -6.90
N ASP B 52 -2.68 2.05 -5.60
CA ASP B 52 -3.73 2.52 -4.70
C ASP B 52 -3.72 4.03 -4.53
N VAL B 53 -4.43 4.72 -5.42
CA VAL B 53 -4.48 6.18 -5.36
C VAL B 53 -5.83 6.75 -4.94
N ILE B 54 -5.87 8.07 -4.88
CA ILE B 54 -7.05 8.83 -4.53
C ILE B 54 -7.47 9.64 -5.74
N GLU B 55 -8.61 9.24 -6.34
CA GLU B 55 -9.18 9.92 -7.50
C GLU B 55 -9.85 11.20 -7.11
N LEU B 56 -10.01 12.11 -8.07
CA LEU B 56 -10.67 13.37 -7.77
C LEU B 56 -12.16 13.09 -7.53
N ASP B 57 -12.63 11.94 -8.01
CA ASP B 57 -14.00 11.59 -7.76
C ASP B 57 -14.18 11.28 -6.28
N ASP B 58 -13.11 10.97 -5.58
CA ASP B 58 -13.27 10.62 -4.17
C ASP B 58 -13.28 11.89 -3.37
N VAL B 59 -13.14 12.99 -4.09
CA VAL B 59 -12.95 14.27 -3.47
C VAL B 59 -14.10 15.26 -3.65
N ALA B 60 -15.06 14.93 -4.48
CA ALA B 60 -16.13 15.87 -4.74
C ALA B 60 -17.49 15.54 -4.13
N ASN B 61 -18.11 16.55 -3.53
CA ASN B 61 -19.46 16.46 -3.03
C ASN B 61 -20.33 17.04 -4.14
N ILE B 62 -21.51 16.47 -4.36
CA ILE B 62 -22.46 17.03 -5.30
C ILE B 62 -23.54 17.70 -4.47
N MET B 63 -23.92 18.91 -4.85
CA MET B 63 -24.96 19.65 -4.12
C MET B 63 -26.17 19.79 -5.02
N PHE B 64 -27.30 19.19 -4.59
CA PHE B 64 -28.51 19.09 -5.40
C PHE B 64 -29.57 20.12 -5.00
N TYR B 65 -30.07 20.84 -5.99
CA TYR B 65 -31.14 21.80 -5.77
C TYR B 65 -32.11 21.57 -6.90
N GLY B 66 -33.33 21.15 -6.53
CA GLY B 66 -34.32 20.72 -7.51
C GLY B 66 -35.57 21.56 -7.63
N GLU B 67 -35.59 22.77 -7.05
CA GLU B 67 -36.76 23.63 -7.13
C GLU B 67 -36.70 24.81 -8.12
N GLY B 68 -35.55 25.01 -8.76
CA GLY B 68 -35.45 26.06 -9.75
C GLY B 68 -36.20 25.72 -11.04
N GLU B 69 -36.61 26.77 -11.74
CA GLU B 69 -37.40 26.63 -12.94
C GLU B 69 -36.85 27.45 -14.07
N VAL B 70 -37.08 26.97 -15.28
CA VAL B 70 -36.65 27.70 -16.45
C VAL B 70 -37.87 27.75 -17.31
N GLY B 71 -38.30 28.95 -17.69
CA GLY B 71 -39.51 29.12 -18.45
C GLY B 71 -40.62 29.70 -17.58
N ASP B 72 -41.68 30.20 -18.19
CA ASP B 72 -42.73 30.80 -17.39
C ASP B 72 -43.89 29.83 -17.20
N ASN B 73 -43.61 28.55 -17.41
CA ASN B 73 -44.61 27.53 -17.26
C ASN B 73 -44.23 26.47 -16.23
N HIS B 74 -43.42 26.86 -15.25
CA HIS B 74 -43.10 25.98 -14.13
C HIS B 74 -42.35 24.69 -14.44
N GLN B 75 -41.47 24.65 -15.44
CA GLN B 75 -40.69 23.42 -15.64
C GLN B 75 -39.56 23.46 -14.62
N LYS B 76 -39.56 22.48 -13.73
CA LYS B 76 -38.54 22.39 -12.73
C LYS B 76 -37.39 21.53 -13.19
N PHE B 77 -36.20 21.85 -12.72
CA PHE B 77 -35.04 21.04 -13.06
C PHE B 77 -34.20 20.66 -11.83
N MET B 78 -33.45 19.56 -11.93
CA MET B 78 -32.58 19.21 -10.83
C MET B 78 -31.20 19.75 -11.21
N LEU B 79 -30.77 20.77 -10.47
CA LEU B 79 -29.50 21.42 -10.74
C LEU B 79 -28.48 21.12 -9.67
N ILE B 80 -27.21 21.01 -10.10
CA ILE B 80 -26.10 20.90 -9.17
C ILE B 80 -25.33 22.20 -9.23
N PHE B 81 -24.80 22.58 -8.09
CA PHE B 81 -24.05 23.81 -7.96
C PHE B 81 -22.59 23.57 -8.35
N ASP B 82 -22.01 24.47 -9.12
CA ASP B 82 -20.58 24.39 -9.44
C ASP B 82 -19.90 25.72 -9.09
N THR B 83 -19.07 25.72 -8.06
CA THR B 83 -18.39 26.97 -7.65
C THR B 83 -17.24 27.34 -8.52
N GLY B 84 -16.90 26.48 -9.48
CA GLY B 84 -15.81 26.77 -10.38
C GLY B 84 -16.22 27.37 -11.73
N SER B 85 -17.48 27.74 -11.90
CA SER B 85 -17.91 28.28 -13.20
C SER B 85 -19.15 29.18 -13.16
N ALA B 86 -19.32 29.98 -14.20
CA ALA B 86 -20.45 30.92 -14.25
C ALA B 86 -21.73 30.41 -14.97
N ASN B 87 -21.63 29.32 -15.70
CA ASN B 87 -22.76 28.98 -16.53
C ASN B 87 -23.92 28.29 -15.90
N LEU B 88 -25.07 28.53 -16.50
CA LEU B 88 -26.27 27.76 -16.23
C LEU B 88 -26.60 26.96 -17.50
N TRP B 89 -26.83 25.67 -17.37
CA TRP B 89 -27.30 24.90 -18.51
C TRP B 89 -28.35 23.90 -18.09
N VAL B 90 -29.20 23.52 -19.03
CA VAL B 90 -30.18 22.47 -18.78
C VAL B 90 -30.23 21.63 -20.07
N PRO B 91 -30.59 20.35 -19.99
CA PRO B 91 -30.70 19.51 -21.18
C PRO B 91 -31.93 19.92 -21.96
N SER B 92 -31.82 19.88 -23.28
CA SER B 92 -32.88 20.33 -24.15
C SER B 92 -33.84 19.26 -24.57
N LYS B 93 -35.02 19.67 -24.99
CA LYS B 93 -35.94 18.71 -25.52
C LYS B 93 -35.29 18.15 -26.80
N LYS B 94 -34.47 18.96 -27.44
CA LYS B 94 -33.82 18.59 -28.69
C LYS B 94 -32.66 17.62 -28.49
N CYS B 95 -32.29 17.38 -27.24
CA CYS B 95 -31.12 16.56 -26.97
C CYS B 95 -31.18 15.16 -27.61
N ASN B 96 -30.16 14.84 -28.43
CA ASN B 96 -30.05 13.56 -29.12
C ASN B 96 -29.04 12.61 -28.45
N SER B 97 -28.99 12.60 -27.11
CA SER B 97 -28.04 11.74 -26.38
C SER B 97 -28.73 10.75 -25.46
N SER B 98 -28.03 9.65 -25.15
CA SER B 98 -28.61 8.57 -24.35
C SER B 98 -28.94 9.05 -22.94
N GLY B 99 -27.98 9.72 -22.33
CA GLY B 99 -28.17 10.25 -20.99
C GLY B 99 -29.35 11.18 -20.79
N CYS B 100 -29.69 11.97 -21.82
CA CYS B 100 -30.83 12.88 -21.73
C CYS B 100 -32.16 12.12 -21.62
N SER B 101 -32.16 10.81 -21.86
CA SER B 101 -33.43 10.10 -21.82
C SER B 101 -33.97 9.86 -20.40
N ILE B 102 -33.19 10.16 -19.36
CA ILE B 102 -33.65 9.99 -17.99
C ILE B 102 -33.72 11.33 -17.26
N LYS B 103 -33.71 12.41 -18.04
CA LYS B 103 -33.66 13.76 -17.53
C LYS B 103 -34.90 14.63 -17.77
N ASN B 104 -35.09 15.65 -16.95
CA ASN B 104 -36.15 16.58 -17.28
C ASN B 104 -35.57 17.43 -18.38
N LEU B 105 -36.30 17.53 -19.48
CA LEU B 105 -35.83 18.22 -20.68
C LEU B 105 -36.51 19.55 -20.82
N TYR B 106 -35.75 20.58 -21.14
CA TYR B 106 -36.32 21.91 -21.23
C TYR B 106 -37.05 22.10 -22.54
N ASP B 107 -38.27 22.62 -22.45
CA ASP B 107 -39.14 22.77 -23.61
C ASP B 107 -39.39 24.23 -23.88
N SER B 108 -38.59 24.85 -24.74
CA SER B 108 -38.73 26.28 -25.04
C SER B 108 -40.12 26.65 -25.61
N SER B 109 -40.73 25.77 -26.40
CA SER B 109 -42.01 26.07 -27.02
C SER B 109 -43.14 26.30 -26.04
N LYS B 110 -42.93 25.92 -24.77
CA LYS B 110 -43.98 25.99 -23.77
C LYS B 110 -43.87 27.26 -22.94
N SER B 111 -42.93 28.13 -23.29
CA SER B 111 -42.68 29.30 -22.47
C SER B 111 -42.84 30.61 -23.23
N LYS B 112 -43.62 31.53 -22.67
CA LYS B 112 -43.90 32.79 -23.31
C LYS B 112 -42.67 33.67 -23.36
N SER B 113 -41.92 33.72 -22.28
CA SER B 113 -40.74 34.57 -22.28
C SER B 113 -39.47 33.92 -22.86
N TYR B 114 -39.61 32.89 -23.69
CA TYR B 114 -38.45 32.34 -24.38
C TYR B 114 -38.00 33.21 -25.56
N GLU B 115 -36.71 33.50 -25.62
CA GLU B 115 -36.12 34.21 -26.75
C GLU B 115 -35.08 33.33 -27.35
N LYS B 116 -35.23 33.02 -28.64
CA LYS B 116 -34.28 32.17 -29.32
C LYS B 116 -32.97 32.90 -29.46
N ASP B 117 -31.87 32.17 -29.41
CA ASP B 117 -30.58 32.75 -29.67
C ASP B 117 -30.01 31.80 -30.67
N GLY B 118 -29.86 30.55 -30.28
CA GLY B 118 -29.45 29.53 -31.21
C GLY B 118 -27.97 29.44 -31.49
N THR B 119 -27.19 30.38 -30.98
CA THR B 119 -25.75 30.32 -31.20
C THR B 119 -25.19 29.03 -30.61
N LYS B 120 -24.57 28.23 -31.46
CA LYS B 120 -23.91 26.99 -31.02
C LYS B 120 -22.80 27.29 -29.98
N VAL B 121 -22.59 26.35 -29.05
CA VAL B 121 -21.63 26.50 -27.97
C VAL B 121 -21.34 25.19 -27.24
N ASP B 122 -20.09 24.99 -26.86
CA ASP B 122 -19.65 23.81 -26.15
C ASP B 122 -18.97 24.30 -24.89
N ILE B 123 -19.14 23.58 -23.79
CA ILE B 123 -18.44 23.95 -22.57
C ILE B 123 -17.88 22.70 -21.95
N THR B 124 -16.72 22.85 -21.34
CA THR B 124 -16.05 21.71 -20.77
C THR B 124 -15.90 21.81 -19.26
N TYR B 125 -16.22 20.73 -18.56
CA TYR B 125 -15.96 20.62 -17.13
C TYR B 125 -14.89 19.56 -16.98
N GLY B 126 -14.35 19.43 -15.77
CA GLY B 126 -13.38 18.39 -15.50
C GLY B 126 -13.93 17.03 -15.88
N SER B 127 -15.23 16.85 -15.72
CA SER B 127 -15.84 15.56 -16.02
C SER B 127 -16.13 15.32 -17.51
N GLY B 128 -15.94 16.33 -18.35
CA GLY B 128 -16.28 16.17 -19.74
C GLY B 128 -16.99 17.36 -20.35
N THR B 129 -17.24 17.29 -21.65
CA THR B 129 -17.79 18.41 -22.40
C THR B 129 -19.28 18.21 -22.70
N VAL B 130 -20.04 19.29 -22.68
CA VAL B 130 -21.43 19.23 -23.13
C VAL B 130 -21.56 20.22 -24.24
N LYS B 131 -22.48 19.96 -25.16
CA LYS B 131 -22.68 20.86 -26.31
C LYS B 131 -24.15 21.22 -26.50
N GLY B 132 -24.35 22.46 -26.90
CA GLY B 132 -25.68 22.92 -27.21
C GLY B 132 -25.69 24.26 -27.90
N PHE B 133 -26.70 25.06 -27.59
CA PHE B 133 -26.81 26.38 -28.16
C PHE B 133 -27.42 27.24 -27.07
N PHE B 134 -27.21 28.54 -27.21
CA PHE B 134 -27.69 29.50 -26.24
C PHE B 134 -29.18 29.76 -26.39
N SER B 135 -29.78 30.11 -25.27
CA SER B 135 -31.18 30.46 -25.23
C SER B 135 -31.36 31.40 -24.06
N LYS B 136 -32.44 32.17 -24.07
CA LYS B 136 -32.75 33.05 -22.98
C LYS B 136 -34.18 32.76 -22.64
N ASP B 137 -34.46 32.75 -21.34
CA ASP B 137 -35.79 32.52 -20.84
C ASP B 137 -35.82 32.97 -19.39
N LEU B 138 -37.01 32.97 -18.81
CA LEU B 138 -37.20 33.27 -17.40
C LEU B 138 -36.57 32.16 -16.55
N VAL B 139 -35.68 32.54 -15.63
CA VAL B 139 -35.13 31.62 -14.66
C VAL B 139 -35.67 32.05 -13.29
N THR B 140 -36.12 31.09 -12.52
CA THR B 140 -36.77 31.41 -11.26
C THR B 140 -36.14 30.62 -10.15
N LEU B 141 -35.74 31.31 -9.10
CA LEU B 141 -35.12 30.66 -7.96
C LEU B 141 -35.86 31.20 -6.75
N GLY B 142 -36.69 30.37 -6.14
CA GLY B 142 -37.46 30.76 -4.98
C GLY B 142 -38.41 31.86 -5.37
N HIS B 143 -38.22 33.07 -4.84
CA HIS B 143 -39.13 34.16 -5.15
C HIS B 143 -38.52 35.12 -6.15
N LEU B 144 -37.31 34.82 -6.60
CA LEU B 144 -36.62 35.67 -7.56
C LEU B 144 -36.73 35.10 -8.94
N SER B 145 -36.85 35.97 -9.93
CA SER B 145 -36.88 35.53 -11.32
C SER B 145 -36.52 36.63 -12.29
N MET B 146 -35.84 36.29 -13.38
CA MET B 146 -35.48 37.30 -14.39
C MET B 146 -35.05 36.58 -15.66
N PRO B 147 -35.20 37.23 -16.79
CA PRO B 147 -34.77 36.62 -18.05
C PRO B 147 -33.28 36.41 -17.95
N TYR B 148 -32.81 35.24 -18.37
CA TYR B 148 -31.39 34.97 -18.26
C TYR B 148 -30.90 34.08 -19.37
N LYS B 149 -29.71 34.38 -19.85
CA LYS B 149 -29.14 33.63 -20.96
C LYS B 149 -28.44 32.40 -20.40
N PHE B 150 -28.80 31.24 -20.93
CA PHE B 150 -28.23 29.99 -20.44
C PHE B 150 -27.92 29.05 -21.60
N ILE B 151 -27.37 27.88 -21.32
CA ILE B 151 -27.12 26.96 -22.43
C ILE B 151 -28.12 25.82 -22.49
N GLU B 152 -28.65 25.60 -23.68
CA GLU B 152 -29.56 24.51 -23.94
C GLU B 152 -28.72 23.34 -24.53
N VAL B 153 -28.48 22.33 -23.70
CA VAL B 153 -27.60 21.23 -24.09
C VAL B 153 -28.29 20.15 -24.91
N THR B 154 -27.72 19.83 -26.06
CA THR B 154 -28.31 18.79 -26.89
C THR B 154 -27.43 17.58 -27.06
N ASP B 155 -26.22 17.64 -26.53
CA ASP B 155 -25.27 16.53 -26.63
C ASP B 155 -24.48 16.34 -25.33
N THR B 156 -24.66 15.20 -24.68
CA THR B 156 -24.02 14.91 -23.38
C THR B 156 -23.09 13.69 -23.43
N ASP B 157 -22.94 13.10 -24.60
CA ASP B 157 -22.11 11.91 -24.77
C ASP B 157 -20.72 12.04 -24.14
N ASP B 158 -20.15 13.23 -24.18
CA ASP B 158 -18.83 13.39 -23.62
C ASP B 158 -18.90 13.66 -22.13
N LEU B 159 -20.10 13.64 -21.56
CA LEU B 159 -20.21 13.82 -20.13
C LEU B 159 -20.47 12.51 -19.39
N GLU B 160 -20.34 11.39 -20.09
CA GLU B 160 -20.53 10.06 -19.47
C GLU B 160 -19.18 9.51 -19.04
N PRO B 161 -19.16 8.60 -18.06
CA PRO B 161 -20.32 7.93 -17.48
C PRO B 161 -21.16 8.67 -16.49
N ILE B 162 -20.64 9.72 -15.88
CA ILE B 162 -21.38 10.33 -14.78
C ILE B 162 -22.78 10.95 -15.08
N TYR B 163 -23.03 11.43 -16.29
CA TYR B 163 -24.33 12.02 -16.56
C TYR B 163 -25.46 11.02 -16.40
N SER B 164 -25.24 9.79 -16.86
CA SER B 164 -26.22 8.72 -16.76
C SER B 164 -26.22 8.07 -15.38
N SER B 165 -25.29 8.44 -14.51
CA SER B 165 -25.29 7.79 -13.21
C SER B 165 -25.53 8.70 -12.02
N VAL B 166 -25.73 9.99 -12.27
CA VAL B 166 -26.02 10.92 -11.19
C VAL B 166 -27.31 11.63 -11.56
N GLU B 167 -28.22 11.70 -10.61
CA GLU B 167 -29.51 12.22 -10.93
C GLU B 167 -29.65 13.71 -10.87
N PHE B 168 -29.04 14.39 -11.83
CA PHE B 168 -29.19 15.80 -11.98
C PHE B 168 -29.41 16.04 -13.44
N ASP B 169 -30.09 17.14 -13.76
CA ASP B 169 -30.39 17.55 -15.13
C ASP B 169 -29.34 18.52 -15.70
N GLY B 170 -29.00 19.53 -14.91
CA GLY B 170 -28.04 20.50 -15.34
C GLY B 170 -27.26 21.07 -14.17
N ILE B 171 -26.53 22.13 -14.47
CA ILE B 171 -25.60 22.74 -13.53
C ILE B 171 -25.81 24.24 -13.43
N LEU B 172 -25.73 24.78 -12.23
CA LEU B 172 -25.89 26.22 -12.08
C LEU B 172 -24.58 26.76 -11.53
N GLY B 173 -23.93 27.62 -12.29
CA GLY B 173 -22.65 28.15 -11.91
C GLY B 173 -22.62 29.19 -10.79
N LEU B 174 -21.77 28.95 -9.78
CA LEU B 174 -21.50 29.91 -8.71
C LEU B 174 -20.05 30.37 -8.74
N GLY B 175 -19.43 30.29 -9.90
CA GLY B 175 -18.05 30.70 -10.05
C GLY B 175 -17.95 31.98 -10.86
N TRP B 176 -16.84 32.13 -11.58
CA TRP B 176 -16.56 33.36 -12.29
C TRP B 176 -16.38 33.08 -13.78
N LYS B 177 -15.76 31.93 -14.05
CA LYS B 177 -15.36 31.58 -15.41
C LYS B 177 -16.50 31.20 -16.33
N ASP B 178 -16.67 31.99 -17.38
CA ASP B 178 -17.63 31.66 -18.40
C ASP B 178 -16.96 30.56 -19.21
N LEU B 179 -17.47 29.34 -19.10
CA LEU B 179 -16.83 28.23 -19.80
C LEU B 179 -17.00 28.36 -21.31
N SER B 180 -17.77 29.34 -21.72
CA SER B 180 -17.98 29.56 -23.15
C SER B 180 -17.33 30.89 -23.58
N ILE B 181 -17.72 31.34 -24.78
CA ILE B 181 -17.23 32.58 -25.36
C ILE B 181 -18.41 33.51 -25.67
N GLY B 182 -19.50 33.35 -24.93
CA GLY B 182 -20.71 34.12 -25.15
C GLY B 182 -20.88 35.21 -24.11
N SER B 183 -19.77 35.61 -23.48
CA SER B 183 -19.79 36.62 -22.42
C SER B 183 -20.98 36.46 -21.47
N ILE B 184 -21.08 35.31 -20.83
CA ILE B 184 -22.14 35.06 -19.89
C ILE B 184 -21.70 35.49 -18.49
N ASP B 185 -22.52 36.27 -17.82
CA ASP B 185 -22.29 36.55 -16.41
C ASP B 185 -22.94 35.46 -15.58
N PRO B 186 -22.33 35.14 -14.44
CA PRO B 186 -22.90 34.14 -13.51
C PRO B 186 -24.25 34.67 -13.10
N ILE B 187 -25.19 33.79 -12.79
CA ILE B 187 -26.50 34.27 -12.44
C ILE B 187 -26.53 35.23 -11.24
N VAL B 188 -25.68 34.98 -10.25
CA VAL B 188 -25.71 35.82 -9.08
C VAL B 188 -25.33 37.26 -9.44
N VAL B 189 -24.32 37.42 -10.28
CA VAL B 189 -23.93 38.78 -10.71
C VAL B 189 -25.02 39.44 -11.54
N GLU B 190 -25.72 38.63 -12.30
CA GLU B 190 -26.73 39.17 -13.20
C GLU B 190 -27.98 39.56 -12.43
N LEU B 191 -28.30 38.81 -11.38
CA LEU B 191 -29.44 39.18 -10.53
C LEU B 191 -29.14 40.55 -9.94
N LYS B 192 -27.90 40.73 -9.52
CA LYS B 192 -27.47 42.03 -9.03
C LYS B 192 -27.48 43.07 -10.15
N ASN B 193 -27.03 42.73 -11.35
CA ASN B 193 -27.05 43.74 -12.44
C ASN B 193 -28.47 44.12 -12.73
N GLN B 194 -29.41 43.22 -12.51
CA GLN B 194 -30.79 43.55 -12.86
C GLN B 194 -31.56 44.02 -11.63
N ASN B 195 -30.80 44.35 -10.58
CA ASN B 195 -31.38 44.90 -9.37
C ASN B 195 -32.40 43.99 -8.72
N LYS B 196 -32.19 42.68 -8.83
CA LYS B 196 -33.10 41.69 -8.24
C LYS B 196 -32.72 41.43 -6.80
N ILE B 197 -31.43 41.53 -6.51
CA ILE B 197 -30.88 41.37 -5.18
C ILE B 197 -30.07 42.62 -4.81
N ASP B 198 -29.76 42.75 -3.51
CA ASP B 198 -29.04 43.91 -2.96
C ASP B 198 -27.56 43.77 -3.20
N ASN B 199 -27.07 42.54 -3.13
CA ASN B 199 -25.66 42.26 -3.23
C ASN B 199 -25.35 41.13 -4.20
N ALA B 200 -24.29 41.29 -4.96
CA ALA B 200 -23.84 40.22 -5.82
C ALA B 200 -23.06 39.31 -4.93
N LEU B 201 -23.76 38.58 -4.07
CA LEU B 201 -23.09 37.62 -3.21
C LEU B 201 -23.97 36.40 -2.86
N PHE B 202 -23.29 35.32 -2.46
CA PHE B 202 -23.97 34.16 -1.92
C PHE B 202 -23.19 33.70 -0.70
N THR B 203 -23.87 32.98 0.18
CA THR B 203 -23.23 32.40 1.36
C THR B 203 -23.57 30.94 1.42
N PHE B 204 -22.78 30.21 2.20
CA PHE B 204 -23.01 28.79 2.44
C PHE B 204 -23.11 28.53 3.95
N TYR B 205 -24.26 28.01 4.35
CA TYR B 205 -24.48 27.59 5.71
C TYR B 205 -24.67 26.10 5.70
N LEU B 206 -23.71 25.40 6.31
CA LEU B 206 -23.70 23.94 6.34
C LEU B 206 -23.83 23.43 7.76
N PRO B 207 -25.04 23.05 8.16
CA PRO B 207 -25.32 22.61 9.54
C PRO B 207 -24.38 21.51 9.97
N VAL B 208 -23.66 21.78 11.04
CA VAL B 208 -22.76 20.78 11.60
C VAL B 208 -23.46 19.44 11.89
N HIS B 209 -24.72 19.49 12.29
CA HIS B 209 -25.43 18.24 12.61
C HIS B 209 -25.82 17.43 11.40
N ASP B 210 -26.02 18.06 10.26
CA ASP B 210 -26.49 17.33 9.08
C ASP B 210 -25.60 17.47 7.83
N VAL B 211 -24.65 16.56 7.72
CA VAL B 211 -23.71 16.53 6.61
C VAL B 211 -24.38 16.31 5.24
N HIS B 212 -25.61 15.84 5.22
CA HIS B 212 -26.24 15.67 3.91
C HIS B 212 -27.06 16.89 3.51
N ALA B 213 -26.96 17.97 4.28
CA ALA B 213 -27.73 19.19 4.00
C ALA B 213 -26.86 20.46 4.04
N GLY B 214 -27.35 21.50 3.38
CA GLY B 214 -26.65 22.77 3.31
C GLY B 214 -27.62 23.85 2.86
N TYR B 215 -27.25 25.11 3.09
CA TYR B 215 -28.13 26.19 2.69
C TYR B 215 -27.36 27.25 1.90
N LEU B 216 -27.92 27.63 0.75
CA LEU B 216 -27.28 28.61 -0.08
C LEU B 216 -28.16 29.84 -0.03
N THR B 217 -27.59 30.96 0.38
CA THR B 217 -28.36 32.18 0.38
C THR B 217 -27.81 33.14 -0.68
N ILE B 218 -28.72 33.76 -1.43
CA ILE B 218 -28.33 34.67 -2.49
C ILE B 218 -28.83 36.08 -2.19
N GLY B 219 -27.98 37.09 -2.39
CA GLY B 219 -28.41 38.46 -2.23
C GLY B 219 -28.39 39.09 -0.84
N GLY B 220 -27.55 38.58 0.06
CA GLY B 220 -27.47 39.17 1.38
C GLY B 220 -27.17 38.24 2.53
N ILE B 221 -26.40 38.76 3.47
CA ILE B 221 -25.94 38.00 4.61
C ILE B 221 -27.03 37.86 5.67
N GLU B 222 -27.33 36.64 6.10
CA GLU B 222 -28.36 36.43 7.10
C GLU B 222 -27.74 36.19 8.49
N GLU B 223 -28.34 36.81 9.50
CA GLU B 223 -27.84 36.77 10.88
C GLU B 223 -27.98 35.44 11.58
N LYS B 224 -29.14 34.80 11.42
CA LYS B 224 -29.42 33.55 12.06
C LYS B 224 -28.34 32.51 11.83
N PHE B 225 -27.50 32.71 10.81
CA PHE B 225 -26.46 31.72 10.44
C PHE B 225 -25.12 31.88 11.15
N TYR B 226 -24.80 33.07 11.65
CA TYR B 226 -23.46 33.25 12.21
C TYR B 226 -23.35 34.05 13.51
N GLU B 227 -22.24 33.88 14.21
CA GLU B 227 -21.96 34.70 15.39
C GLU B 227 -20.71 35.55 15.18
N GLY B 228 -20.65 36.67 15.91
CA GLY B 228 -19.51 37.55 15.80
C GLY B 228 -19.56 38.32 14.49
N ASN B 229 -18.38 38.62 13.95
CA ASN B 229 -18.29 39.35 12.69
C ASN B 229 -17.63 38.53 11.58
N ILE B 230 -17.87 38.96 10.35
CA ILE B 230 -17.30 38.35 9.16
C ILE B 230 -15.95 38.97 8.80
N THR B 231 -14.93 38.15 8.54
CA THR B 231 -13.65 38.72 8.12
C THR B 231 -13.35 38.37 6.67
N TYR B 232 -13.09 39.40 5.89
CA TYR B 232 -12.87 39.22 4.46
C TYR B 232 -11.44 38.94 4.04
N GLU B 233 -11.32 38.10 3.01
CA GLU B 233 -10.03 37.78 2.43
C GLU B 233 -10.11 37.96 0.92
N LYS B 234 -9.13 38.64 0.36
CA LYS B 234 -9.09 38.97 -1.07
C LYS B 234 -8.60 37.86 -1.99
N LEU B 235 -9.15 37.82 -3.19
CA LEU B 235 -8.82 36.81 -4.17
C LEU B 235 -7.47 37.02 -4.86
N ASN B 236 -6.61 36.02 -4.77
CA ASN B 236 -5.34 36.04 -5.49
C ASN B 236 -5.52 35.59 -6.92
N HIS B 237 -6.76 35.48 -7.36
CA HIS B 237 -7.07 35.06 -8.73
C HIS B 237 -8.32 35.78 -9.16
N ASP B 238 -8.45 36.07 -10.45
CA ASP B 238 -9.65 36.75 -10.92
C ASP B 238 -10.79 35.80 -11.34
N LEU B 239 -10.56 34.50 -11.30
CA LEU B 239 -11.56 33.59 -11.80
C LEU B 239 -12.05 32.56 -10.79
N TYR B 240 -11.27 32.32 -9.75
CA TYR B 240 -11.62 31.32 -8.77
C TYR B 240 -11.78 31.90 -7.36
N TRP B 241 -12.52 31.22 -6.51
CA TRP B 241 -12.68 31.71 -5.14
C TRP B 241 -11.52 31.22 -4.32
N GLN B 242 -10.38 31.89 -4.45
CA GLN B 242 -9.21 31.48 -3.72
C GLN B 242 -8.43 32.66 -3.16
N ILE B 243 -8.02 32.51 -1.92
CA ILE B 243 -7.35 33.59 -1.22
C ILE B 243 -5.93 33.19 -0.84
N ASP B 244 -5.14 34.19 -0.43
CA ASP B 244 -3.80 33.97 0.07
C ASP B 244 -3.93 33.55 1.53
N LEU B 245 -3.20 32.52 1.94
CA LEU B 245 -3.14 32.16 3.36
C LEU B 245 -1.85 31.41 3.71
N ASP B 246 -1.44 31.58 4.96
CA ASP B 246 -0.35 30.83 5.51
C ASP B 246 -1.08 29.61 6.04
N VAL B 247 -0.55 28.41 5.77
CA VAL B 247 -1.22 27.20 6.20
C VAL B 247 -0.37 26.49 7.23
N HIS B 248 -0.97 26.18 8.37
CA HIS B 248 -0.26 25.52 9.46
C HIS B 248 -0.90 24.20 9.90
N PHE B 249 -0.27 23.08 9.59
CA PHE B 249 -0.74 21.79 10.10
C PHE B 249 0.17 21.42 11.26
N GLY B 250 0.04 22.14 12.37
CA GLY B 250 0.91 21.91 13.51
C GLY B 250 2.34 22.28 13.15
N LYS B 251 3.22 21.28 13.08
CA LYS B 251 4.63 21.53 12.76
C LYS B 251 4.80 21.82 11.28
N GLN B 252 3.87 21.29 10.48
CA GLN B 252 3.84 21.50 9.03
C GLN B 252 3.40 22.92 8.72
N THR B 253 4.12 23.61 7.86
CA THR B 253 3.78 25.00 7.53
C THR B 253 4.11 25.34 6.07
N MET B 254 3.24 26.14 5.45
CA MET B 254 3.45 26.60 4.08
C MET B 254 2.78 27.95 3.94
N GLU B 255 3.58 29.00 3.98
CA GLU B 255 3.08 30.36 3.93
C GLU B 255 2.60 30.82 2.56
N LYS B 256 1.78 31.86 2.59
CA LYS B 256 1.19 32.45 1.39
C LYS B 256 0.81 31.38 0.34
N ALA B 257 0.02 30.40 0.77
CA ALA B 257 -0.41 29.34 -0.12
C ALA B 257 -1.71 29.72 -0.82
N ASN B 258 -1.97 29.12 -1.98
CA ASN B 258 -3.21 29.40 -2.68
C ASN B 258 -4.28 28.48 -2.14
N VAL B 259 -5.30 29.07 -1.54
CA VAL B 259 -6.34 28.30 -0.91
C VAL B 259 -7.67 28.57 -1.57
N ILE B 260 -8.34 27.48 -1.94
CA ILE B 260 -9.66 27.50 -2.55
C ILE B 260 -10.67 27.23 -1.46
N VAL B 261 -11.77 27.96 -1.48
CA VAL B 261 -12.80 27.69 -0.50
C VAL B 261 -13.88 27.12 -1.36
N ASP B 262 -14.24 25.87 -1.08
CA ASP B 262 -15.24 25.21 -1.90
C ASP B 262 -16.09 24.14 -1.24
N SER B 263 -17.40 24.36 -1.20
CA SER B 263 -18.32 23.41 -0.59
C SER B 263 -18.41 22.16 -1.44
N GLY B 264 -18.32 22.30 -2.76
CA GLY B 264 -18.36 21.16 -3.64
C GLY B 264 -17.23 20.19 -3.35
N THR B 265 -16.35 20.57 -2.43
CA THR B 265 -15.25 19.69 -2.09
C THR B 265 -15.52 19.03 -0.74
N THR B 266 -15.29 17.71 -0.72
CA THR B 266 -15.59 16.83 0.40
C THR B 266 -14.73 16.94 1.62
N THR B 267 -13.45 17.23 1.45
CA THR B 267 -12.58 17.29 2.61
C THR B 267 -11.81 18.57 2.50
N ILE B 268 -10.76 18.70 3.31
CA ILE B 268 -9.80 19.76 3.10
C ILE B 268 -8.83 19.05 2.22
N THR B 269 -8.24 19.71 1.23
CA THR B 269 -7.22 19.02 0.46
C THR B 269 -5.91 19.77 0.54
N ALA B 270 -4.83 19.00 0.48
CA ALA B 270 -3.50 19.54 0.53
C ALA B 270 -2.67 18.76 -0.45
N PRO B 271 -1.53 19.31 -0.87
CA PRO B 271 -0.63 18.60 -1.77
C PRO B 271 -0.10 17.31 -1.13
N SER B 272 0.09 16.28 -1.93
CA SER B 272 0.56 14.99 -1.45
C SER B 272 1.68 15.04 -0.43
N GLU B 273 2.85 15.43 -0.91
CA GLU B 273 4.07 15.44 -0.10
C GLU B 273 3.85 16.18 1.21
N PHE B 274 3.22 17.35 1.14
CA PHE B 274 2.92 18.10 2.33
C PHE B 274 2.02 17.28 3.27
N LEU B 275 0.89 16.78 2.76
CA LEU B 275 -0.05 16.06 3.60
C LEU B 275 0.57 14.76 4.10
N ASN B 276 1.33 14.12 3.23
CA ASN B 276 1.96 12.87 3.61
C ASN B 276 2.90 13.07 4.79
N LYS B 277 3.59 14.20 4.85
CA LYS B 277 4.50 14.47 5.96
C LYS B 277 3.71 14.70 7.23
N PHE B 278 2.62 15.45 7.12
CA PHE B 278 1.78 15.72 8.28
C PHE B 278 1.37 14.39 8.84
N PHE B 279 0.86 13.53 7.96
CA PHE B 279 0.43 12.20 8.33
C PHE B 279 1.57 11.36 8.90
N ALA B 280 2.58 11.10 8.07
CA ALA B 280 3.71 10.26 8.45
C ALA B 280 4.22 10.49 9.88
N ASN B 281 4.13 11.74 10.33
CA ASN B 281 4.54 12.10 11.68
C ASN B 281 3.55 11.61 12.73
N LEU B 282 2.29 11.49 12.31
CA LEU B 282 1.21 11.10 13.21
C LEU B 282 0.89 9.62 13.08
N ASN B 283 -0.17 9.20 13.75
CA ASN B 283 -0.57 7.79 13.69
C ASN B 283 -1.61 7.58 12.59
N VAL B 284 -1.59 8.42 11.56
CA VAL B 284 -2.55 8.32 10.47
C VAL B 284 -2.17 7.26 9.45
N ILE B 285 -3.11 6.39 9.13
CA ILE B 285 -2.88 5.32 8.19
C ILE B 285 -3.95 5.31 7.12
N LYS B 286 -3.57 5.01 5.90
CA LYS B 286 -4.53 4.94 4.81
C LYS B 286 -5.08 3.52 4.74
N VAL B 287 -6.34 3.37 4.41
CA VAL B 287 -6.91 2.04 4.25
C VAL B 287 -6.67 1.62 2.82
N PRO B 288 -5.97 0.52 2.63
CA PRO B 288 -5.64 0.08 1.29
C PRO B 288 -6.88 -0.08 0.45
N PHE B 289 -6.86 0.52 -0.73
CA PHE B 289 -7.92 0.41 -1.70
C PHE B 289 -9.17 1.21 -1.38
N LEU B 290 -9.08 2.08 -0.39
CA LEU B 290 -10.19 2.91 0.01
C LEU B 290 -9.69 4.32 0.33
N PRO B 291 -10.45 5.34 -0.03
CA PRO B 291 -10.03 6.73 0.18
C PRO B 291 -10.19 7.15 1.61
N PHE B 292 -9.62 6.41 2.56
CA PHE B 292 -9.80 6.73 3.97
C PHE B 292 -8.49 6.79 4.69
N TYR B 293 -8.33 7.81 5.51
CA TYR B 293 -7.17 7.88 6.36
C TYR B 293 -7.73 7.88 7.78
N VAL B 294 -7.22 6.99 8.63
CA VAL B 294 -7.80 6.86 9.95
C VAL B 294 -6.79 6.76 11.10
N THR B 295 -7.23 7.15 12.29
CA THR B 295 -6.52 6.91 13.54
C THR B 295 -7.57 6.76 14.59
N THR B 296 -7.13 6.74 15.83
CA THR B 296 -8.02 6.58 16.95
C THR B 296 -8.61 7.92 17.29
N CYS B 297 -9.92 7.94 17.54
CA CYS B 297 -10.59 9.15 17.98
C CYS B 297 -9.95 9.75 19.25
N ASP B 298 -9.17 8.95 19.96
CA ASP B 298 -8.50 9.39 21.18
C ASP B 298 -7.08 9.86 20.91
N ASN B 299 -6.68 9.85 19.64
CA ASN B 299 -5.35 10.27 19.23
C ASN B 299 -5.10 11.71 19.69
N LYS B 300 -4.44 11.84 20.83
CA LYS B 300 -4.17 13.14 21.46
C LYS B 300 -3.16 14.04 20.75
N GLU B 301 -2.46 13.50 19.75
CA GLU B 301 -1.46 14.29 19.04
C GLU B 301 -2.08 15.13 17.93
N MET B 302 -3.27 14.71 17.46
CA MET B 302 -3.96 15.41 16.39
C MET B 302 -4.04 16.89 16.69
N PRO B 303 -3.32 17.67 15.89
CA PRO B 303 -3.18 19.12 16.10
C PRO B 303 -4.36 19.96 15.63
N THR B 304 -4.36 21.22 16.04
CA THR B 304 -5.36 22.17 15.60
C THR B 304 -4.83 22.82 14.34
N LEU B 305 -5.68 22.92 13.33
CA LEU B 305 -5.30 23.47 12.04
C LEU B 305 -5.34 24.98 12.11
N GLU B 306 -4.38 25.59 11.42
CA GLU B 306 -4.32 27.03 11.41
C GLU B 306 -4.11 27.60 10.01
N PHE B 307 -5.01 28.47 9.62
CA PHE B 307 -4.94 29.17 8.35
C PHE B 307 -4.99 30.63 8.74
N LYS B 308 -3.87 31.31 8.53
CA LYS B 308 -3.77 32.71 8.91
C LYS B 308 -3.38 33.53 7.72
N SER B 309 -3.96 34.71 7.60
CA SER B 309 -3.58 35.61 6.53
C SER B 309 -2.80 36.78 7.13
N ALA B 310 -3.20 37.97 6.71
CA ALA B 310 -2.58 39.18 7.21
C ALA B 310 -3.10 39.43 8.61
N ASN B 311 -4.37 39.80 8.70
CA ASN B 311 -4.93 40.19 10.00
C ASN B 311 -6.01 39.26 10.54
N ASN B 312 -6.01 38.00 10.11
CA ASN B 312 -7.04 37.09 10.58
C ASN B 312 -6.56 35.68 10.89
N THR B 313 -7.19 35.05 11.88
CA THR B 313 -6.86 33.67 12.21
C THR B 313 -8.08 32.73 12.13
N TYR B 314 -7.95 31.69 11.32
CA TYR B 314 -9.01 30.71 11.18
C TYR B 314 -8.45 29.43 11.69
N THR B 315 -9.26 28.68 12.44
CA THR B 315 -8.79 27.46 13.06
C THR B 315 -9.71 26.29 12.78
N LEU B 316 -9.16 25.09 12.89
CA LEU B 316 -9.93 23.87 12.73
C LEU B 316 -9.33 22.82 13.65
N GLU B 317 -9.97 22.64 14.79
CA GLU B 317 -9.52 21.69 15.79
C GLU B 317 -9.85 20.28 15.32
N PRO B 318 -9.13 19.31 15.87
CA PRO B 318 -9.29 17.91 15.47
C PRO B 318 -10.74 17.43 15.41
N GLU B 319 -11.58 17.93 16.33
CA GLU B 319 -12.97 17.53 16.37
C GLU B 319 -13.68 17.87 15.07
N TYR B 320 -13.17 18.87 14.36
CA TYR B 320 -13.78 19.30 13.13
C TYR B 320 -13.33 18.51 11.90
N TYR B 321 -12.21 17.80 12.00
CA TYR B 321 -11.76 16.97 10.87
C TYR B 321 -11.60 15.47 11.20
N MET B 322 -12.10 15.03 12.35
CA MET B 322 -12.03 13.62 12.71
C MET B 322 -13.43 13.07 12.91
N ASN B 323 -13.80 12.09 12.11
CA ASN B 323 -15.14 11.50 12.18
C ASN B 323 -15.12 10.04 12.56
N PRO B 324 -15.86 9.70 13.61
CA PRO B 324 -15.91 8.33 14.08
C PRO B 324 -16.61 7.47 13.05
N ILE B 325 -16.06 6.30 12.77
CA ILE B 325 -16.65 5.42 11.78
C ILE B 325 -17.66 4.52 12.47
N LEU B 326 -18.85 5.06 12.69
CA LEU B 326 -19.89 4.35 13.42
C LEU B 326 -20.34 3.12 12.65
N GLU B 327 -20.06 3.11 11.35
CA GLU B 327 -20.37 1.95 10.53
C GLU B 327 -19.37 0.82 10.79
N VAL B 328 -18.25 1.12 11.44
CA VAL B 328 -17.24 0.07 11.67
C VAL B 328 -16.76 -0.03 13.11
N ASP B 329 -16.38 1.10 13.69
CA ASP B 329 -15.89 1.11 15.06
C ASP B 329 -15.67 2.53 15.50
N ASP B 330 -16.54 3.03 16.37
CA ASP B 330 -16.49 4.43 16.80
C ASP B 330 -15.24 4.85 17.56
N THR B 331 -14.36 3.91 17.89
CA THR B 331 -13.11 4.29 18.52
C THR B 331 -12.13 4.69 17.42
N LEU B 332 -12.47 4.33 16.19
CA LEU B 332 -11.66 4.73 15.05
C LEU B 332 -12.29 5.97 14.40
N CYS B 333 -11.44 6.90 14.01
CA CYS B 333 -11.90 8.10 13.32
C CYS B 333 -11.24 8.28 11.98
N MET B 334 -12.02 8.72 11.00
CA MET B 334 -11.47 9.04 9.70
C MET B 334 -11.06 10.50 9.73
N ILE B 335 -9.99 10.84 9.02
CA ILE B 335 -9.51 12.22 8.92
C ILE B 335 -10.04 12.88 7.65
N THR B 336 -10.66 14.05 7.77
CA THR B 336 -11.24 14.69 6.59
C THR B 336 -10.24 15.48 5.77
N MET B 337 -9.13 14.83 5.43
CA MET B 337 -8.11 15.47 4.61
C MET B 337 -7.66 14.51 3.49
N LEU B 338 -7.58 14.99 2.26
CA LEU B 338 -7.12 14.15 1.16
C LEU B 338 -5.96 14.78 0.43
N PRO B 339 -5.08 13.94 -0.11
CA PRO B 339 -3.93 14.42 -0.88
C PRO B 339 -4.41 14.73 -2.27
N VAL B 340 -4.26 15.98 -2.68
CA VAL B 340 -4.69 16.35 -4.00
C VAL B 340 -3.73 17.35 -4.59
N ASP B 341 -2.95 16.90 -5.55
CA ASP B 341 -1.96 17.74 -6.20
C ASP B 341 -2.53 18.58 -7.32
N ILE B 342 -2.99 19.77 -6.99
CA ILE B 342 -3.49 20.65 -8.02
C ILE B 342 -2.35 21.49 -8.54
N ASP B 343 -1.70 22.22 -7.65
CA ASP B 343 -0.70 23.19 -8.07
C ASP B 343 0.28 23.55 -6.97
N SER B 344 1.27 22.68 -6.79
CA SER B 344 2.43 22.89 -5.90
C SER B 344 2.20 23.46 -4.49
N ASN B 345 1.36 24.47 -4.38
CA ASN B 345 1.05 25.10 -3.11
C ASN B 345 -0.41 25.49 -3.05
N THR B 346 -1.27 24.59 -3.47
CA THR B 346 -2.71 24.84 -3.51
C THR B 346 -3.48 23.87 -2.60
N PHE B 347 -4.29 24.41 -1.71
CA PHE B 347 -5.09 23.63 -0.78
C PHE B 347 -6.55 23.94 -1.04
N ILE B 348 -7.44 23.04 -0.63
CA ILE B 348 -8.86 23.34 -0.69
C ILE B 348 -9.47 23.29 0.68
N LEU B 349 -10.20 24.34 1.07
CA LEU B 349 -10.99 24.30 2.30
C LEU B 349 -12.38 23.86 1.87
N GLY B 350 -12.64 22.56 2.06
CA GLY B 350 -13.91 22.00 1.67
C GLY B 350 -14.92 21.94 2.79
N ASP B 351 -15.90 21.05 2.61
CA ASP B 351 -16.99 20.84 3.55
C ASP B 351 -16.62 20.87 5.03
N PRO B 352 -15.62 20.14 5.46
CA PRO B 352 -15.26 20.13 6.89
C PRO B 352 -14.97 21.51 7.44
N PHE B 353 -14.27 22.33 6.67
CA PHE B 353 -13.96 23.67 7.13
C PHE B 353 -15.23 24.48 7.19
N MET B 354 -16.11 24.26 6.22
CA MET B 354 -17.30 25.10 6.12
C MET B 354 -18.40 24.71 7.09
N ARG B 355 -18.23 23.58 7.77
CA ARG B 355 -19.19 23.18 8.77
C ARG B 355 -18.98 24.11 9.97
N LYS B 356 -17.73 24.47 10.22
CA LYS B 356 -17.38 25.35 11.33
C LYS B 356 -17.58 26.81 10.98
N TYR B 357 -17.05 27.22 9.82
CA TYR B 357 -17.11 28.60 9.37
C TYR B 357 -18.17 28.84 8.29
N PHE B 358 -19.04 29.82 8.53
CA PHE B 358 -20.06 30.21 7.58
C PHE B 358 -19.31 31.10 6.59
N THR B 359 -19.63 31.01 5.31
CA THR B 359 -18.82 31.71 4.32
C THR B 359 -19.61 32.65 3.41
N VAL B 360 -18.94 33.72 2.99
CA VAL B 360 -19.57 34.74 2.17
C VAL B 360 -18.79 34.82 0.88
N PHE B 361 -19.51 34.71 -0.23
CA PHE B 361 -18.87 34.77 -1.53
C PHE B 361 -19.40 35.99 -2.20
N ASP B 362 -18.59 37.03 -2.17
CA ASP B 362 -18.99 38.34 -2.68
C ASP B 362 -18.29 38.72 -3.96
N TYR B 363 -19.03 38.90 -5.04
CA TYR B 363 -18.39 39.32 -6.27
C TYR B 363 -18.12 40.82 -6.23
N ASP B 364 -19.00 41.57 -5.58
CA ASP B 364 -18.82 43.04 -5.54
C ASP B 364 -17.48 43.35 -4.89
N LYS B 365 -17.30 42.80 -3.69
CA LYS B 365 -16.09 43.02 -2.88
C LYS B 365 -14.95 42.07 -3.25
N GLU B 366 -15.16 41.29 -4.32
CA GLU B 366 -14.17 40.32 -4.76
C GLU B 366 -13.42 39.67 -3.60
N SER B 367 -14.15 39.11 -2.66
CA SER B 367 -13.50 38.36 -1.59
C SER B 367 -14.36 37.25 -1.03
N VAL B 368 -13.81 36.52 -0.08
CA VAL B 368 -14.57 35.51 0.59
C VAL B 368 -14.62 35.89 2.05
N GLY B 369 -15.81 35.96 2.62
CA GLY B 369 -15.93 36.25 4.03
C GLY B 369 -16.12 35.01 4.90
N PHE B 370 -15.57 35.07 6.11
CA PHE B 370 -15.63 33.96 7.07
C PHE B 370 -16.23 34.41 8.42
N ALA B 371 -16.83 33.47 9.14
CA ALA B 371 -17.36 33.74 10.48
C ALA B 371 -17.79 32.43 11.14
N ILE B 372 -17.88 32.43 12.47
CA ILE B 372 -18.32 31.23 13.19
C ILE B 372 -19.79 31.00 12.92
N ALA B 373 -20.15 29.77 12.58
CA ALA B 373 -21.53 29.43 12.33
C ALA B 373 -22.26 29.11 13.62
N LYS B 374 -23.50 29.58 13.74
CA LYS B 374 -24.31 29.35 14.94
C LYS B 374 -24.88 27.94 14.98
N ASN B 375 -24.93 27.38 16.18
CA ASN B 375 -25.42 26.03 16.44
C ASN B 375 -24.35 25.04 16.01
#